data_2PBZ
#
_entry.id   2PBZ
#
_cell.length_a   63.342
_cell.length_b   87.400
_cell.length_c   175.907
_cell.angle_alpha   90.00
_cell.angle_beta   90.00
_cell.angle_gamma   90.00
#
_symmetry.space_group_name_H-M   'P 21 21 21'
#
loop_
_entity.id
_entity.type
_entity.pdbx_description
1 polymer 'Hypothetical protein'
2 non-polymer "ADENOSINE-5'-TRIPHOSPHATE"
3 water water
#
_entity_poly.entity_id   1
_entity_poly.type   'polypeptide(L)'
_entity_poly.pdbx_seq_one_letter_code
;(MSE)SLIVSTIASHSSLQILLGAKKEGFKTRLYVSPKRRPFYSSLPIVDDLVVAEE(MSE)TSILNDDGIVVPHGSFVA
YLGIEAIEKAKARFFGNRRFLKWETTFELQDKALEGAGIPRVEVVEPEDAKPDELYFVRIEGPRGGSGHFIVEGSELEER
LSTLEEPYRVERFIPGVYLYVHFFYSPILERLELLGVDERVLIADGNARWPVKPLPYTIVGNRAIALRESLLPQLYDYGL
AFVRT(MSE)RELEPPGVIGPFALHFAYDGSFKAIGIASRIDGGSNADHWYSELYWGERLS(MSE)GRRIARELRLAEEE
DRLEEVVTEGHHHHHH
;
_entity_poly.pdbx_strand_id   A,B,C
#
# COMPACT_ATOMS: atom_id res chain seq x y z
N ILE A 4 -28.65 10.67 12.33
CA ILE A 4 -27.75 10.52 13.49
C ILE A 4 -26.27 10.88 13.25
N VAL A 5 -25.64 10.32 12.22
CA VAL A 5 -24.22 10.64 11.97
C VAL A 5 -23.99 11.55 10.79
N SER A 6 -23.45 12.72 11.07
CA SER A 6 -23.18 13.73 10.05
C SER A 6 -21.80 14.40 10.19
N THR A 7 -21.32 15.00 9.11
CA THR A 7 -20.03 15.67 9.11
C THR A 7 -19.76 16.41 7.81
N ILE A 8 -18.75 17.26 7.80
CA ILE A 8 -18.42 18.03 6.61
C ILE A 8 -17.83 17.15 5.50
N ALA A 9 -18.15 17.46 4.26
CA ALA A 9 -17.67 16.71 3.12
C ALA A 9 -16.26 17.10 2.68
N SER A 10 -15.28 16.36 3.18
CA SER A 10 -13.87 16.58 2.86
C SER A 10 -13.05 15.83 3.89
N HIS A 11 -11.73 15.91 3.74
CA HIS A 11 -10.79 15.25 4.63
C HIS A 11 -10.95 13.72 4.71
N SER A 12 -11.93 13.26 5.48
CA SER A 12 -12.16 11.84 5.64
C SER A 12 -13.62 11.49 5.88
N SER A 13 -14.51 12.26 5.26
CA SER A 13 -15.94 12.04 5.41
C SER A 13 -16.41 10.77 4.73
N LEU A 14 -15.67 10.32 3.73
CA LEU A 14 -16.01 9.10 3.01
C LEU A 14 -15.85 7.92 3.92
N GLN A 15 -14.69 7.86 4.54
CA GLN A 15 -14.35 6.81 5.48
C GLN A 15 -15.35 6.85 6.64
N ILE A 16 -15.58 8.05 7.15
CA ILE A 16 -16.51 8.26 8.26
C ILE A 16 -17.93 7.80 7.96
N LEU A 17 -18.51 8.28 6.86
CA LEU A 17 -19.88 7.91 6.49
C LEU A 17 -20.03 6.42 6.14
N LEU A 18 -19.06 5.86 5.43
CA LEU A 18 -19.13 4.45 5.06
C LEU A 18 -19.13 3.63 6.34
N GLY A 19 -18.29 4.00 7.29
CA GLY A 19 -18.21 3.26 8.54
C GLY A 19 -19.49 3.39 9.36
N ALA A 20 -20.15 4.53 9.27
CA ALA A 20 -21.39 4.73 10.00
C ALA A 20 -22.51 3.92 9.37
N LYS A 21 -22.65 3.99 8.04
CA LYS A 21 -23.67 3.25 7.34
C LYS A 21 -23.39 1.77 7.52
N LYS A 22 -22.14 1.43 7.83
CA LYS A 22 -21.73 0.04 8.02
C LYS A 22 -22.17 -0.45 9.40
N GLU A 23 -22.19 0.45 10.37
CA GLU A 23 -22.60 0.11 11.72
C GLU A 23 -24.09 0.29 11.90
N GLY A 24 -24.78 0.50 10.79
CA GLY A 24 -26.22 0.66 10.83
C GLY A 24 -26.77 2.05 11.10
N PHE A 25 -25.88 3.03 11.28
CA PHE A 25 -26.32 4.40 11.53
C PHE A 25 -26.81 5.08 10.28
N LYS A 26 -27.55 6.16 10.47
CA LYS A 26 -28.07 6.92 9.35
C LYS A 26 -27.02 7.95 9.02
N THR A 27 -27.00 8.41 7.79
CA THR A 27 -25.99 9.34 7.31
C THR A 27 -26.46 10.71 6.82
N ARG A 28 -25.72 11.75 7.21
CA ARG A 28 -25.98 13.12 6.79
C ARG A 28 -24.68 13.85 6.48
N LEU A 29 -24.57 14.35 5.26
CA LEU A 29 -23.37 15.06 4.84
C LEU A 29 -23.64 16.50 4.45
N TYR A 30 -22.84 17.42 4.98
CA TYR A 30 -22.95 18.84 4.65
C TYR A 30 -21.90 19.06 3.57
N VAL A 31 -22.33 19.49 2.39
CA VAL A 31 -21.41 19.69 1.27
C VAL A 31 -21.73 20.97 0.51
N SER A 32 -20.74 21.51 -0.19
CA SER A 32 -20.93 22.73 -0.95
C SER A 32 -21.45 22.39 -2.36
N PRO A 33 -22.01 23.39 -3.04
CA PRO A 33 -22.53 23.14 -4.39
C PRO A 33 -21.49 22.60 -5.37
N LYS A 34 -20.28 23.13 -5.31
CA LYS A 34 -19.22 22.68 -6.21
C LYS A 34 -18.81 21.22 -6.02
N ARG A 35 -18.78 20.76 -4.76
CA ARG A 35 -18.38 19.40 -4.46
C ARG A 35 -19.51 18.37 -4.39
N ARG A 36 -20.76 18.81 -4.36
CA ARG A 36 -21.86 17.84 -4.24
C ARG A 36 -22.11 16.84 -5.36
N PRO A 37 -21.77 17.19 -6.61
CA PRO A 37 -22.02 16.20 -7.68
C PRO A 37 -21.41 14.85 -7.33
N PHE A 38 -20.14 14.87 -6.96
CA PHE A 38 -19.44 13.65 -6.57
C PHE A 38 -20.07 12.91 -5.39
N TYR A 39 -20.29 13.62 -4.29
CA TYR A 39 -20.86 13.01 -3.09
C TYR A 39 -22.32 12.57 -3.22
N SER A 40 -23.09 13.24 -4.06
CA SER A 40 -24.50 12.85 -4.20
C SER A 40 -24.62 11.53 -4.95
N SER A 41 -23.59 11.16 -5.69
CA SER A 41 -23.61 9.92 -6.44
C SER A 41 -23.21 8.74 -5.57
N LEU A 42 -22.89 9.01 -4.31
CA LEU A 42 -22.47 7.96 -3.38
C LEU A 42 -23.61 7.37 -2.55
N PRO A 43 -23.80 6.05 -2.62
CA PRO A 43 -24.86 5.36 -1.90
C PRO A 43 -24.69 5.38 -0.38
N ILE A 44 -23.65 6.02 0.12
CA ILE A 44 -23.44 6.03 1.56
C ILE A 44 -24.04 7.24 2.27
N VAL A 45 -24.57 8.19 1.50
CA VAL A 45 -25.16 9.38 2.08
C VAL A 45 -26.69 9.35 2.02
N ASP A 46 -27.33 9.51 3.18
CA ASP A 46 -28.78 9.53 3.24
C ASP A 46 -29.29 10.97 3.11
N ASP A 47 -28.94 11.82 4.06
CA ASP A 47 -29.38 13.22 3.98
C ASP A 47 -28.21 14.08 3.54
N LEU A 48 -28.37 14.77 2.42
CA LEU A 48 -27.31 15.62 1.89
C LEU A 48 -27.66 17.10 1.99
N VAL A 49 -27.04 17.78 2.93
CA VAL A 49 -27.27 19.19 3.18
C VAL A 49 -26.29 20.08 2.41
N VAL A 50 -26.73 20.63 1.28
CA VAL A 50 -25.88 21.50 0.49
C VAL A 50 -25.85 22.89 1.09
N ALA A 51 -24.68 23.53 1.08
CA ALA A 51 -24.54 24.88 1.64
C ALA A 51 -23.27 25.60 1.19
N GLU A 52 -23.36 26.92 1.06
CA GLU A 52 -22.21 27.72 0.66
C GLU A 52 -21.15 27.63 1.77
N GLU A 53 -21.60 27.80 3.02
CA GLU A 53 -20.75 27.75 4.21
C GLU A 53 -21.19 26.57 5.07
N THR A 55 -20.92 26.59 8.35
CA THR A 55 -21.21 27.14 9.66
C THR A 55 -22.55 26.71 10.26
N SER A 56 -23.28 25.84 9.58
CA SER A 56 -24.57 25.38 10.09
C SER A 56 -24.41 24.33 11.19
N ILE A 57 -23.39 24.49 12.04
CA ILE A 57 -23.12 23.57 13.15
C ILE A 57 -24.13 23.63 14.31
N LEU A 58 -25.41 23.60 13.96
CA LEU A 58 -26.48 23.59 14.94
C LEU A 58 -27.09 22.21 14.73
N ASN A 59 -26.40 21.40 13.93
CA ASN A 59 -26.86 20.06 13.62
C ASN A 59 -27.33 19.36 14.87
N ASP A 60 -28.63 19.26 15.05
CA ASP A 60 -29.14 18.61 16.23
C ASP A 60 -29.10 17.12 16.02
N ASP A 61 -30.14 16.46 16.50
CA ASP A 61 -30.33 15.03 16.36
C ASP A 61 -29.04 14.22 16.37
N GLY A 62 -28.26 14.36 15.30
CA GLY A 62 -27.03 13.60 15.19
C GLY A 62 -25.75 14.05 15.88
N ILE A 63 -24.74 13.19 15.76
CA ILE A 63 -23.41 13.39 16.31
C ILE A 63 -22.55 13.91 15.17
N VAL A 64 -21.92 15.07 15.36
CA VAL A 64 -21.11 15.69 14.33
C VAL A 64 -19.81 15.04 13.86
N VAL A 65 -19.08 14.34 14.72
CA VAL A 65 -17.83 13.71 14.26
C VAL A 65 -16.89 14.63 13.45
N PRO A 66 -15.93 15.30 14.12
CA PRO A 66 -14.98 16.22 13.46
C PRO A 66 -13.80 15.56 12.74
N HIS A 67 -13.12 16.33 11.90
CA HIS A 67 -11.94 15.88 11.16
C HIS A 67 -11.03 17.07 10.88
N GLY A 68 -9.99 16.88 10.06
CA GLY A 68 -9.05 17.95 9.80
C GLY A 68 -9.47 19.20 9.05
N SER A 69 -10.76 19.37 8.79
CA SER A 69 -11.22 20.55 8.05
C SER A 69 -12.04 21.48 8.91
N PHE A 70 -12.58 20.93 10.01
CA PHE A 70 -13.43 21.70 10.90
C PHE A 70 -12.95 23.06 11.39
N VAL A 71 -11.67 23.18 11.70
CA VAL A 71 -11.18 24.47 12.17
C VAL A 71 -10.98 25.41 10.98
N ALA A 72 -10.64 24.83 9.84
CA ALA A 72 -10.42 25.63 8.65
C ALA A 72 -11.77 26.10 8.09
N TYR A 73 -12.84 25.40 8.44
CA TYR A 73 -14.20 25.74 7.99
C TYR A 73 -14.95 26.48 9.10
N LEU A 74 -14.52 26.25 10.33
CA LEU A 74 -15.16 26.86 11.48
C LEU A 74 -14.07 27.16 12.51
N GLY A 75 -14.11 28.34 13.12
CA GLY A 75 -13.09 28.63 14.10
C GLY A 75 -13.12 27.66 15.27
N ILE A 76 -12.09 27.73 16.11
CA ILE A 76 -12.00 26.87 17.30
C ILE A 76 -13.04 27.30 18.32
N GLU A 77 -13.30 28.61 18.37
CA GLU A 77 -14.27 29.23 19.28
C GLU A 77 -15.67 28.67 19.04
N ALA A 78 -16.11 28.82 17.79
CA ALA A 78 -17.42 28.38 17.39
C ALA A 78 -17.69 26.93 17.76
N ILE A 79 -16.70 26.08 17.52
CA ILE A 79 -16.82 24.65 17.80
C ILE A 79 -16.94 24.33 19.28
N GLU A 80 -16.09 24.94 20.10
CA GLU A 80 -16.14 24.69 21.53
C GLU A 80 -17.44 25.19 22.15
N LYS A 81 -18.06 26.17 21.51
CA LYS A 81 -19.33 26.70 22.00
C LYS A 81 -20.47 26.26 21.11
N ALA A 82 -20.18 25.37 20.16
CA ALA A 82 -21.20 24.86 19.25
C ALA A 82 -22.35 24.15 19.99
N LYS A 83 -23.51 24.16 19.37
CA LYS A 83 -24.70 23.54 19.93
C LYS A 83 -24.81 22.05 19.63
N ALA A 84 -24.31 21.65 18.47
CA ALA A 84 -24.36 20.25 18.02
C ALA A 84 -23.75 19.26 19.02
N ARG A 85 -24.16 18.01 18.91
CA ARG A 85 -23.71 16.93 19.79
C ARG A 85 -22.22 16.58 19.84
N PHE A 86 -21.55 16.39 18.68
CA PHE A 86 -20.09 16.07 18.59
C PHE A 86 -19.48 14.82 19.20
N PHE A 87 -18.80 14.04 18.37
CA PHE A 87 -18.15 12.80 18.84
C PHE A 87 -16.79 13.03 19.52
N GLY A 88 -16.53 12.30 20.60
CA GLY A 88 -15.26 12.36 21.33
C GLY A 88 -14.68 13.70 21.76
N ASN A 89 -14.82 14.03 23.03
CA ASN A 89 -14.33 15.30 23.57
C ASN A 89 -14.69 16.38 22.57
N ARG A 90 -13.86 17.40 22.45
CA ARG A 90 -14.15 18.50 21.53
C ARG A 90 -13.26 19.65 21.92
N ARG A 91 -12.86 19.65 23.18
CA ARG A 91 -11.98 20.69 23.67
C ARG A 91 -10.57 20.28 23.26
N PHE A 92 -10.42 18.99 22.94
CA PHE A 92 -9.15 18.41 22.51
C PHE A 92 -8.74 18.88 21.11
N LEU A 93 -9.71 19.00 20.22
CA LEU A 93 -9.46 19.41 18.86
C LEU A 93 -8.48 20.57 18.68
N LYS A 94 -8.39 21.46 19.66
CA LYS A 94 -7.50 22.63 19.54
C LYS A 94 -6.04 22.33 19.87
N TRP A 95 -5.80 21.21 20.53
CA TRP A 95 -4.46 20.84 20.93
C TRP A 95 -3.45 20.53 19.85
N GLU A 96 -3.91 20.42 18.60
CA GLU A 96 -3.00 20.14 17.51
C GLU A 96 -2.82 21.43 16.71
N THR A 97 -3.53 22.47 17.12
CA THR A 97 -3.50 23.75 16.43
C THR A 97 -2.31 24.68 16.63
N THR A 98 -1.65 24.59 17.77
CA THR A 98 -0.49 25.45 18.05
C THR A 98 0.70 24.68 18.62
N PHE A 99 1.89 25.28 18.47
CA PHE A 99 3.12 24.70 19.00
C PHE A 99 2.99 24.59 20.53
N GLU A 100 2.50 25.67 21.13
CA GLU A 100 2.35 25.73 22.58
C GLU A 100 1.62 24.51 23.12
N LEU A 101 0.46 24.21 22.57
CA LEU A 101 -0.32 23.06 23.01
C LEU A 101 0.33 21.75 22.63
N GLN A 102 0.84 21.70 21.40
CA GLN A 102 1.48 20.49 20.91
C GLN A 102 2.65 20.11 21.80
N ASP A 103 3.50 21.07 22.10
CA ASP A 103 4.67 20.85 22.95
C ASP A 103 4.26 20.44 24.35
N LYS A 104 3.40 21.25 24.96
CA LYS A 104 2.93 21.00 26.30
C LYS A 104 2.53 19.55 26.49
N ALA A 105 1.69 19.05 25.60
CA ALA A 105 1.23 17.67 25.66
C ALA A 105 2.36 16.66 25.44
N LEU A 106 3.13 16.84 24.37
CA LEU A 106 4.22 15.93 24.05
C LEU A 106 5.27 15.91 25.19
N GLU A 107 5.55 17.08 25.77
CA GLU A 107 6.49 17.13 26.87
C GLU A 107 5.86 16.41 28.06
N GLY A 108 4.59 16.73 28.32
CA GLY A 108 3.87 16.12 29.42
C GLY A 108 3.80 14.61 29.34
N ALA A 109 3.89 14.06 28.13
CA ALA A 109 3.82 12.61 27.96
C ALA A 109 5.21 11.98 27.93
N GLY A 110 6.24 12.83 27.93
CA GLY A 110 7.60 12.32 27.90
C GLY A 110 8.04 11.85 26.53
N ILE A 111 7.29 12.22 25.50
CA ILE A 111 7.61 11.81 24.14
C ILE A 111 8.72 12.70 23.55
N PRO A 112 9.74 12.06 22.96
CA PRO A 112 10.85 12.80 22.36
C PRO A 112 10.36 13.62 21.19
N ARG A 113 10.74 14.90 21.13
CA ARG A 113 10.30 15.71 20.01
C ARG A 113 11.49 16.25 19.22
N VAL A 114 11.27 16.64 17.97
CA VAL A 114 12.37 17.20 17.19
C VAL A 114 12.76 18.48 17.90
N GLU A 115 14.07 18.72 17.99
CA GLU A 115 14.58 19.91 18.65
C GLU A 115 14.30 21.17 17.84
N VAL A 116 14.04 22.26 18.55
CA VAL A 116 13.77 23.56 17.94
C VAL A 116 15.10 24.29 17.75
N VAL A 117 15.21 25.07 16.69
CA VAL A 117 16.45 25.78 16.43
C VAL A 117 16.26 27.25 16.17
N GLU A 118 16.89 28.07 17.00
CA GLU A 118 16.82 29.50 16.83
C GLU A 118 18.15 29.83 16.16
N PRO A 119 18.13 30.66 15.11
CA PRO A 119 19.30 31.10 14.33
C PRO A 119 20.67 30.94 15.04
N GLU A 120 21.18 29.70 14.98
CA GLU A 120 22.46 29.31 15.57
C GLU A 120 22.83 28.05 14.80
N ASP A 121 22.66 28.15 13.48
CA ASP A 121 22.93 27.09 12.50
C ASP A 121 24.31 26.41 12.50
N ALA A 122 24.76 26.11 11.29
CA ALA A 122 26.04 25.49 11.05
C ALA A 122 26.31 25.68 9.53
N LYS A 123 25.82 26.82 9.05
CA LYS A 123 25.95 27.26 7.66
C LYS A 123 27.28 26.82 7.02
N PRO A 124 27.22 26.12 5.88
CA PRO A 124 26.01 25.70 5.15
C PRO A 124 25.86 24.19 5.28
N ASP A 125 25.30 23.58 4.23
CA ASP A 125 25.09 22.13 4.21
C ASP A 125 24.38 21.67 5.49
N GLU A 126 23.99 22.63 6.31
CA GLU A 126 23.24 22.35 7.53
C GLU A 126 21.87 22.95 7.23
N LEU A 127 21.01 22.16 6.56
CA LEU A 127 19.68 22.62 6.24
C LEU A 127 18.74 22.42 7.41
N TYR A 128 17.64 23.17 7.39
CA TYR A 128 16.66 23.08 8.46
C TYR A 128 15.24 23.10 7.89
N PHE A 129 14.29 22.65 8.70
CA PHE A 129 12.89 22.63 8.30
C PHE A 129 12.20 23.79 8.99
N VAL A 130 11.34 24.51 8.25
CA VAL A 130 10.58 25.63 8.80
C VAL A 130 9.12 25.20 8.83
N ARG A 131 8.53 25.09 10.02
CA ARG A 131 7.14 24.66 10.16
C ARG A 131 6.16 25.82 10.18
N ILE A 132 4.88 25.50 9.91
CA ILE A 132 3.78 26.48 9.88
C ILE A 132 4.13 27.76 9.13
N GLU A 145 5.29 24.87 4.53
CA GLU A 145 6.51 24.47 5.23
C GLU A 145 7.69 24.97 4.42
N GLY A 146 8.64 24.10 4.10
CA GLY A 146 9.80 24.52 3.33
C GLY A 146 11.09 24.38 4.13
N SER A 147 12.19 24.06 3.45
CA SER A 147 13.48 23.88 4.11
C SER A 147 14.59 24.73 3.46
N GLU A 148 15.34 25.46 4.27
CA GLU A 148 16.42 26.33 3.80
C GLU A 148 17.80 25.85 4.28
N LEU A 149 18.85 26.43 3.70
CA LEU A 149 20.23 26.07 4.02
C LEU A 149 20.91 27.09 4.95
N GLU A 150 22.22 27.31 4.74
CA GLU A 150 23.00 28.25 5.55
C GLU A 150 22.27 29.60 5.75
N GLU A 151 22.23 30.44 4.70
CA GLU A 151 21.58 31.74 4.75
C GLU A 151 20.62 31.94 5.92
N ARG A 152 19.42 31.34 5.86
CA ARG A 152 18.45 31.44 6.94
C ARG A 152 17.82 32.85 6.99
N LEU A 153 18.34 33.78 6.18
CA LEU A 153 17.84 35.17 6.14
C LEU A 153 16.32 35.31 6.08
N SER A 154 15.79 35.19 4.86
CA SER A 154 14.35 35.26 4.59
C SER A 154 13.51 34.84 5.79
N PRO A 159 4.07 33.32 11.76
CA PRO A 159 4.11 32.40 12.89
C PRO A 159 4.75 31.08 12.46
N TYR A 160 5.95 30.81 12.98
CA TYR A 160 6.68 29.61 12.60
C TYR A 160 7.69 29.16 13.64
N ARG A 161 8.44 28.12 13.27
CA ARG A 161 9.46 27.53 14.13
C ARG A 161 10.46 26.86 13.19
N VAL A 162 11.71 26.76 13.63
CA VAL A 162 12.78 26.16 12.82
C VAL A 162 13.22 24.88 13.48
N GLU A 163 13.26 23.79 12.72
CA GLU A 163 13.64 22.51 13.28
C GLU A 163 14.81 21.88 12.55
N ARG A 164 15.53 21.02 13.27
CA ARG A 164 16.67 20.30 12.73
C ARG A 164 16.14 19.45 11.57
N PHE A 165 16.83 19.47 10.44
CA PHE A 165 16.39 18.68 9.31
C PHE A 165 16.67 17.21 9.60
N ILE A 166 15.67 16.36 9.40
CA ILE A 166 15.85 14.94 9.65
C ILE A 166 15.39 14.12 8.45
N PRO A 167 16.31 13.38 7.80
CA PRO A 167 15.90 12.58 6.65
C PRO A 167 15.58 11.17 7.14
N GLY A 168 14.50 10.57 6.66
CA GLY A 168 14.26 9.21 7.13
C GLY A 168 12.84 8.84 7.51
N VAL A 169 12.09 8.41 6.51
CA VAL A 169 10.71 7.99 6.69
C VAL A 169 9.91 8.66 7.81
N TYR A 170 8.80 9.24 7.40
CA TYR A 170 7.88 9.91 8.30
C TYR A 170 6.68 9.03 8.48
N LEU A 171 6.46 8.64 9.73
CA LEU A 171 5.38 7.74 10.10
C LEU A 171 4.28 8.41 10.89
N TYR A 172 3.05 8.08 10.52
CA TYR A 172 1.90 8.65 11.17
C TYR A 172 1.12 7.52 11.84
N VAL A 173 1.26 7.43 13.16
CA VAL A 173 0.62 6.39 13.93
C VAL A 173 -0.78 6.77 14.35
N HIS A 174 -1.73 5.90 14.04
CA HIS A 174 -3.12 6.14 14.37
C HIS A 174 -3.56 5.36 15.61
N PHE A 175 -4.22 6.06 16.53
CA PHE A 175 -4.71 5.44 17.77
C PHE A 175 -6.18 5.70 17.99
N PHE A 176 -6.78 4.87 18.83
CA PHE A 176 -8.17 5.04 19.17
C PHE A 176 -8.34 4.63 20.61
N TYR A 177 -8.44 5.59 21.52
CA TYR A 177 -8.65 5.21 22.90
C TYR A 177 -10.14 5.09 23.08
N SER A 178 -10.63 3.97 23.60
CA SER A 178 -12.06 3.82 23.75
C SER A 178 -12.51 3.75 25.18
N PRO A 179 -13.44 4.63 25.57
CA PRO A 179 -13.95 4.61 26.95
C PRO A 179 -14.82 3.39 27.13
N ILE A 180 -15.66 3.12 26.16
CA ILE A 180 -16.55 1.96 26.23
C ILE A 180 -15.81 0.67 26.51
N LEU A 181 -14.55 0.58 26.06
CA LEU A 181 -13.75 -0.62 26.26
C LEU A 181 -12.55 -0.35 27.18
N GLU A 182 -12.33 0.92 27.47
CA GLU A 182 -11.25 1.33 28.36
C GLU A 182 -9.91 0.78 27.91
N ARG A 183 -9.62 0.93 26.62
CA ARG A 183 -8.34 0.46 26.09
C ARG A 183 -7.86 1.34 24.95
N LEU A 184 -6.55 1.33 24.76
CA LEU A 184 -5.89 2.09 23.71
C LEU A 184 -5.62 1.13 22.55
N GLU A 185 -6.11 1.49 21.36
CA GLU A 185 -5.92 0.65 20.17
C GLU A 185 -4.99 1.31 19.16
N LEU A 186 -3.93 0.59 18.78
CA LEU A 186 -2.96 1.05 17.78
C LEU A 186 -3.53 0.43 16.50
N LEU A 187 -4.18 1.24 15.69
CA LEU A 187 -4.84 0.75 14.49
C LEU A 187 -4.21 0.94 13.12
N GLY A 188 -3.06 1.55 13.04
CA GLY A 188 -2.44 1.69 11.75
C GLY A 188 -1.27 2.63 11.72
N VAL A 189 -0.50 2.54 10.65
CA VAL A 189 0.63 3.41 10.45
C VAL A 189 0.58 3.84 9.00
N ASP A 190 0.54 5.14 8.82
CA ASP A 190 0.44 5.77 7.55
C ASP A 190 1.76 6.39 7.13
N GLU A 191 1.88 6.64 5.83
CA GLU A 191 3.03 7.28 5.22
C GLU A 191 2.45 8.24 4.19
N ARG A 192 2.80 9.52 4.28
CA ARG A 192 2.27 10.53 3.36
C ARG A 192 2.85 10.48 1.94
N VAL A 193 2.01 10.82 0.97
CA VAL A 193 2.43 10.91 -0.43
C VAL A 193 2.49 12.43 -0.64
N LEU A 194 3.70 12.95 -0.74
CA LEU A 194 3.94 14.37 -0.92
C LEU A 194 4.27 14.71 -2.35
N ILE A 195 4.16 15.99 -2.70
CA ILE A 195 4.47 16.36 -4.06
C ILE A 195 5.97 16.41 -4.13
N ALA A 196 6.59 16.30 -2.96
CA ALA A 196 8.04 16.32 -2.89
C ALA A 196 8.66 15.07 -3.52
N ASP A 197 7.87 14.31 -4.29
CA ASP A 197 8.35 13.14 -5.03
C ASP A 197 8.85 13.59 -6.40
N GLY A 198 8.64 12.80 -7.44
CA GLY A 198 9.17 13.24 -8.72
C GLY A 198 10.63 13.62 -8.50
N ASN A 199 11.12 13.50 -7.26
CA ASN A 199 12.53 13.75 -6.96
C ASN A 199 13.03 12.38 -6.67
N ALA A 200 12.10 11.50 -6.32
CA ALA A 200 12.46 10.14 -6.01
C ALA A 200 13.02 9.51 -7.29
N ARG A 201 12.34 9.77 -8.40
CA ARG A 201 12.74 9.26 -9.70
C ARG A 201 14.01 9.99 -10.14
N TRP A 202 13.97 11.32 -10.07
CA TRP A 202 15.10 12.15 -10.43
C TRP A 202 15.00 13.46 -9.68
N PRO A 203 15.90 13.67 -8.71
CA PRO A 203 15.92 14.89 -7.90
C PRO A 203 16.20 16.13 -8.75
N VAL A 204 15.46 17.21 -8.51
CA VAL A 204 15.64 18.44 -9.26
C VAL A 204 15.87 19.64 -8.34
N LYS A 205 14.84 20.00 -7.58
CA LYS A 205 14.90 21.11 -6.65
C LYS A 205 13.95 20.89 -5.46
N PRO A 206 14.17 21.62 -4.36
CA PRO A 206 13.28 21.45 -3.21
C PRO A 206 11.82 21.69 -3.59
N LEU A 207 10.97 20.68 -3.35
CA LEU A 207 9.54 20.73 -3.65
C LEU A 207 8.71 20.93 -2.38
N PRO A 208 7.44 21.33 -2.57
CA PRO A 208 6.49 21.54 -1.46
C PRO A 208 6.16 20.24 -0.74
N TYR A 209 5.88 20.32 0.55
CA TYR A 209 5.56 19.11 1.30
C TYR A 209 4.07 18.87 1.48
N THR A 210 3.27 19.47 0.60
CA THR A 210 1.82 19.31 0.63
C THR A 210 1.43 17.84 0.35
N ILE A 211 0.56 17.28 1.18
CA ILE A 211 0.15 15.89 0.98
C ILE A 211 -0.86 15.78 -0.17
N VAL A 212 -0.71 14.70 -0.94
CA VAL A 212 -1.59 14.42 -2.05
C VAL A 212 -2.42 13.21 -1.66
N GLY A 213 -1.80 12.30 -0.90
CA GLY A 213 -2.48 11.08 -0.47
C GLY A 213 -1.77 10.37 0.67
N ASN A 214 -2.16 9.13 0.91
CA ASN A 214 -1.58 8.36 1.99
C ASN A 214 -1.36 6.90 1.59
N ARG A 215 -0.27 6.31 2.09
CA ARG A 215 0.06 4.90 1.82
C ARG A 215 0.02 4.12 3.14
N ALA A 216 -0.72 3.01 3.17
CA ALA A 216 -0.75 2.19 4.36
C ALA A 216 0.58 1.45 4.40
N ILE A 217 1.22 1.41 5.58
CA ILE A 217 2.50 0.74 5.73
C ILE A 217 2.53 -0.19 6.93
N ALA A 218 3.04 -1.41 6.71
CA ALA A 218 3.15 -2.37 7.80
C ALA A 218 4.50 -2.15 8.47
N LEU A 219 4.45 -1.49 9.63
CA LEU A 219 5.65 -1.17 10.39
C LEU A 219 6.36 -2.41 10.93
N ARG A 220 7.69 -2.34 11.02
CA ARG A 220 8.47 -3.44 11.57
C ARG A 220 7.91 -3.65 12.97
N GLU A 221 7.46 -4.87 13.26
CA GLU A 221 6.85 -5.21 14.55
C GLU A 221 7.63 -4.85 15.82
N SER A 222 8.96 -4.84 15.75
CA SER A 222 9.77 -4.54 16.93
C SER A 222 9.64 -3.08 17.39
N LEU A 223 9.02 -2.23 16.58
CA LEU A 223 8.87 -0.81 16.90
C LEU A 223 7.52 -0.43 17.49
N LEU A 224 6.52 -1.29 17.30
CA LEU A 224 5.19 -1.02 17.80
C LEU A 224 5.07 -0.84 19.30
N PRO A 225 5.69 -1.73 20.10
CA PRO A 225 5.60 -1.62 21.56
C PRO A 225 5.96 -0.21 22.04
N GLN A 226 7.03 0.32 21.51
CA GLN A 226 7.52 1.64 21.87
C GLN A 226 6.47 2.71 21.59
N LEU A 227 5.80 2.58 20.44
CA LEU A 227 4.79 3.55 20.06
C LEU A 227 3.58 3.46 20.98
N TYR A 228 3.24 2.23 21.34
CA TYR A 228 2.12 1.98 22.23
C TYR A 228 2.37 2.66 23.55
N ASP A 229 3.59 2.55 24.05
CA ASP A 229 3.99 3.17 25.31
C ASP A 229 3.81 4.67 25.23
N TYR A 230 4.28 5.26 24.14
CA TYR A 230 4.15 6.70 23.95
C TYR A 230 2.67 7.06 23.90
N GLY A 231 1.88 6.21 23.25
CA GLY A 231 0.45 6.44 23.14
C GLY A 231 -0.25 6.42 24.49
N LEU A 232 0.07 5.40 25.28
CA LEU A 232 -0.50 5.25 26.61
C LEU A 232 -0.21 6.50 27.42
N ALA A 233 1.04 6.95 27.36
CA ALA A 233 1.47 8.11 28.10
C ALA A 233 0.70 9.33 27.64
N PHE A 234 0.47 9.42 26.33
CA PHE A 234 -0.24 10.57 25.78
C PHE A 234 -1.65 10.65 26.36
N VAL A 235 -2.32 9.50 26.41
CA VAL A 235 -3.66 9.43 26.94
C VAL A 235 -3.69 9.90 28.39
N ARG A 236 -2.74 9.40 29.18
CA ARG A 236 -2.66 9.77 30.60
C ARG A 236 -2.59 11.27 30.81
N THR A 237 -1.60 11.91 30.21
CA THR A 237 -1.45 13.35 30.40
C THR A 237 -2.58 14.18 29.80
N ARG A 239 -5.60 13.23 29.81
CA ARG A 239 -6.70 13.02 30.74
C ARG A 239 -6.60 14.09 31.85
N GLU A 240 -5.41 14.66 32.02
CA GLU A 240 -5.13 15.71 33.00
C GLU A 240 -5.23 17.07 32.35
N LEU A 241 -4.32 17.31 31.41
CA LEU A 241 -4.24 18.56 30.69
C LEU A 241 -5.55 19.08 30.09
N GLU A 242 -6.47 18.16 29.78
CA GLU A 242 -7.76 18.55 29.21
C GLU A 242 -8.82 17.58 29.73
N PRO A 243 -9.28 17.80 30.98
CA PRO A 243 -10.28 17.02 31.71
C PRO A 243 -10.59 15.61 31.20
N PRO A 244 -11.55 15.42 30.27
CA PRO A 244 -11.72 13.99 29.92
C PRO A 244 -10.55 13.45 29.07
N GLY A 245 -9.97 14.29 28.23
CA GLY A 245 -8.81 13.94 27.41
C GLY A 245 -8.72 12.74 26.45
N VAL A 246 -8.91 13.02 25.16
CA VAL A 246 -8.82 12.02 24.11
C VAL A 246 -9.84 10.91 24.22
N ILE A 247 -10.92 11.02 23.46
CA ILE A 247 -11.95 10.01 23.50
C ILE A 247 -11.99 9.10 22.29
N GLY A 248 -11.73 9.61 21.10
CA GLY A 248 -11.77 8.70 19.98
C GLY A 248 -10.42 8.53 19.29
N PRO A 249 -10.32 8.97 18.03
CA PRO A 249 -9.06 8.85 17.28
C PRO A 249 -8.08 9.99 17.56
N PHE A 250 -6.80 9.70 17.41
CA PHE A 250 -5.77 10.71 17.55
C PHE A 250 -4.54 10.11 16.91
N ALA A 251 -3.58 10.93 16.56
CA ALA A 251 -2.38 10.42 15.93
C ALA A 251 -1.13 11.16 16.37
N LEU A 252 -0.04 10.40 16.46
CA LEU A 252 1.25 10.96 16.81
C LEU A 252 2.06 10.93 15.52
N HIS A 253 2.72 12.04 15.22
CA HIS A 253 3.53 12.12 14.01
C HIS A 253 5.02 12.01 14.34
N PHE A 254 5.73 11.14 13.64
CA PHE A 254 7.14 10.95 13.93
C PHE A 254 8.07 11.00 12.75
N ALA A 255 9.33 11.19 13.07
CA ALA A 255 10.40 11.22 12.10
C ALA A 255 11.27 10.07 12.58
N TYR A 256 11.44 9.02 11.78
CA TYR A 256 12.26 7.92 12.23
C TYR A 256 13.71 8.08 11.73
N ASP A 257 14.58 8.39 12.69
CA ASP A 257 16.03 8.63 12.49
C ASP A 257 16.62 7.25 12.66
N GLY A 258 15.95 6.52 13.53
CA GLY A 258 16.35 5.19 13.93
C GLY A 258 16.17 5.34 15.41
N SER A 259 15.51 6.44 15.81
CA SER A 259 15.29 6.74 17.23
C SER A 259 14.07 7.60 17.57
N PHE A 260 13.07 7.66 16.70
CA PHE A 260 11.83 8.42 16.98
C PHE A 260 11.90 9.80 17.64
N LYS A 261 11.42 10.80 16.90
CA LYS A 261 11.35 12.18 17.37
C LYS A 261 9.95 12.61 16.95
N ALA A 262 9.14 13.12 17.88
CA ALA A 262 7.79 13.56 17.54
C ALA A 262 7.84 14.92 16.83
N ILE A 263 7.04 15.07 15.80
CA ILE A 263 6.99 16.31 15.04
C ILE A 263 5.61 16.94 15.17
N GLY A 264 4.64 16.14 15.61
CA GLY A 264 3.29 16.66 15.77
C GLY A 264 2.25 15.64 16.21
N ILE A 265 1.00 16.05 16.18
CA ILE A 265 -0.11 15.18 16.58
C ILE A 265 -1.38 15.49 15.82
N ALA A 266 -2.36 14.62 15.96
CA ALA A 266 -3.65 14.80 15.32
C ALA A 266 -4.62 14.69 16.47
N SER A 267 -5.36 15.75 16.74
CA SER A 267 -6.30 15.71 17.84
C SER A 267 -7.65 15.17 17.39
N ARG A 268 -7.67 14.56 16.21
CA ARG A 268 -8.87 13.96 15.63
C ARG A 268 -8.47 12.96 14.56
N ILE A 269 -9.44 12.36 13.87
CA ILE A 269 -9.13 11.38 12.83
C ILE A 269 -8.15 12.02 11.86
N ASP A 270 -6.97 11.44 11.80
CA ASP A 270 -5.86 11.94 11.02
C ASP A 270 -5.93 12.11 9.50
N GLY A 271 -6.49 11.15 8.79
CA GLY A 271 -6.54 11.30 7.34
C GLY A 271 -5.72 10.20 6.69
N GLY A 272 -4.60 9.86 7.34
CA GLY A 272 -3.76 8.79 6.84
C GLY A 272 -4.51 7.52 7.19
N SER A 273 -5.66 7.70 7.84
CA SER A 273 -6.51 6.57 8.21
C SER A 273 -7.42 6.17 7.04
N ASN A 274 -7.37 6.92 5.94
CA ASN A 274 -8.15 6.58 4.75
C ASN A 274 -7.46 5.41 4.06
N ALA A 275 -6.17 5.20 4.37
CA ALA A 275 -5.43 4.10 3.77
C ALA A 275 -5.96 2.80 4.36
N ASP A 276 -5.72 1.68 3.66
CA ASP A 276 -6.18 0.36 4.07
C ASP A 276 -5.28 -0.33 5.12
N HIS A 277 -5.57 -0.08 6.40
CA HIS A 277 -4.80 -0.66 7.51
C HIS A 277 -5.52 -1.89 8.03
N TRP A 278 -4.77 -2.85 8.58
CA TRP A 278 -5.39 -4.01 9.20
C TRP A 278 -5.19 -3.72 10.70
N TYR A 279 -4.42 -4.48 11.46
CA TYR A 279 -4.23 -4.14 12.88
C TYR A 279 -5.52 -4.22 13.71
N SER A 280 -6.56 -3.49 13.32
CA SER A 280 -7.82 -3.55 14.03
C SER A 280 -8.25 -5.01 14.19
N GLU A 281 -7.76 -5.85 13.27
CA GLU A 281 -8.05 -7.28 13.29
C GLU A 281 -7.44 -7.93 14.53
N LEU A 282 -6.58 -7.21 15.21
CA LEU A 282 -5.95 -7.71 16.41
C LEU A 282 -6.92 -7.57 17.59
N TYR A 283 -7.80 -6.57 17.52
CA TYR A 283 -8.77 -6.35 18.57
C TYR A 283 -10.11 -6.91 18.14
N TRP A 284 -10.31 -7.00 16.84
CA TRP A 284 -11.54 -7.53 16.27
C TRP A 284 -11.29 -8.63 15.29
N GLY A 285 -12.31 -9.44 15.01
CA GLY A 285 -12.08 -10.51 14.07
C GLY A 285 -11.99 -9.95 12.67
N GLU A 286 -12.68 -8.84 12.47
CA GLU A 286 -12.76 -8.17 11.19
C GLU A 286 -11.84 -6.98 11.05
N ARG A 287 -11.58 -6.58 9.81
CA ARG A 287 -10.71 -5.46 9.49
C ARG A 287 -11.17 -4.19 10.16
N LEU A 288 -12.15 -3.51 9.57
CA LEU A 288 -12.68 -2.31 10.20
C LEU A 288 -11.76 -1.07 10.21
N SER A 289 -12.15 -0.03 9.46
CA SER A 289 -11.37 1.21 9.37
C SER A 289 -11.56 2.11 10.60
N GLY A 291 -12.84 5.11 10.59
CA GLY A 291 -14.14 5.73 10.50
C GLY A 291 -15.19 4.77 11.00
N ARG A 292 -14.96 3.48 10.75
CA ARG A 292 -15.90 2.47 11.20
C ARG A 292 -15.72 2.23 12.69
N ARG A 293 -14.49 2.45 13.18
CA ARG A 293 -14.20 2.25 14.59
C ARG A 293 -14.94 3.29 15.42
N ILE A 294 -14.92 4.53 14.94
CA ILE A 294 -15.63 5.60 15.60
C ILE A 294 -17.13 5.26 15.67
N ALA A 295 -17.68 4.73 14.59
CA ALA A 295 -19.08 4.36 14.52
C ALA A 295 -19.41 3.19 15.42
N ARG A 296 -18.48 2.24 15.52
CA ARG A 296 -18.75 1.08 16.37
C ARG A 296 -18.72 1.50 17.83
N GLU A 297 -17.92 2.53 18.11
CA GLU A 297 -17.80 3.07 19.45
C GLU A 297 -19.16 3.66 19.82
N LEU A 298 -19.74 4.33 18.84
CA LEU A 298 -21.03 4.96 19.01
C LEU A 298 -22.10 3.90 19.26
N ARG A 299 -22.14 2.89 18.39
CA ARG A 299 -23.14 1.83 18.53
C ARG A 299 -23.00 1.09 19.87
N LEU A 300 -21.77 0.88 20.31
CA LEU A 300 -21.55 0.19 21.56
C LEU A 300 -22.10 1.02 22.71
N ALA A 301 -21.88 2.34 22.63
CA ALA A 301 -22.39 3.22 23.66
C ALA A 301 -23.91 3.21 23.69
N GLU A 302 -24.53 3.21 22.51
CA GLU A 302 -25.99 3.18 22.40
C GLU A 302 -26.57 1.99 23.13
N GLU A 303 -26.08 0.81 22.77
CA GLU A 303 -26.56 -0.42 23.33
C GLU A 303 -26.31 -0.54 24.82
N GLU A 304 -25.58 0.40 25.41
CA GLU A 304 -25.28 0.33 26.84
C GLU A 304 -25.62 1.61 27.60
N ASP A 305 -26.43 2.44 26.97
CA ASP A 305 -26.86 3.68 27.58
C ASP A 305 -25.68 4.56 27.99
N ARG A 306 -24.47 4.19 27.56
CA ARG A 306 -23.29 5.00 27.87
C ARG A 306 -23.57 6.24 27.03
N LEU A 307 -22.92 6.33 25.87
CA LEU A 307 -23.13 7.43 24.94
C LEU A 307 -22.88 8.83 25.50
N GLU A 308 -22.66 8.94 26.80
CA GLU A 308 -22.39 10.27 27.36
C GLU A 308 -20.89 10.34 27.48
N GLU A 309 -20.30 9.16 27.69
CA GLU A 309 -18.86 9.02 27.85
C GLU A 309 -18.08 9.24 26.55
N VAL A 310 -18.77 9.23 25.41
CA VAL A 310 -18.09 9.43 24.13
C VAL A 310 -18.49 10.66 23.34
N VAL A 311 -19.36 11.50 23.88
CA VAL A 311 -19.76 12.70 23.13
C VAL A 311 -19.53 13.99 23.88
N THR A 312 -19.90 15.09 23.25
CA THR A 312 -19.73 16.41 23.83
C THR A 312 -20.77 17.42 23.35
N ILE B 4 -17.21 -19.18 -20.29
CA ILE B 4 -17.80 -17.83 -20.50
C ILE B 4 -16.80 -16.67 -20.42
N VAL B 5 -15.98 -16.62 -19.37
CA VAL B 5 -15.01 -15.50 -19.27
C VAL B 5 -13.59 -15.91 -19.57
N SER B 6 -13.02 -15.31 -20.61
CA SER B 6 -11.66 -15.64 -21.03
C SER B 6 -10.85 -14.40 -21.41
N THR B 7 -9.53 -14.53 -21.42
CA THR B 7 -8.65 -13.40 -21.76
C THR B 7 -7.20 -13.84 -21.83
N ILE B 8 -6.34 -12.99 -22.39
CA ILE B 8 -4.92 -13.31 -22.50
C ILE B 8 -4.20 -13.31 -21.15
N ALA B 9 -3.25 -14.22 -20.99
CA ALA B 9 -2.50 -14.32 -19.74
C ALA B 9 -1.38 -13.30 -19.63
N SER B 10 -1.64 -12.20 -18.95
CA SER B 10 -0.66 -11.14 -18.75
C SER B 10 -1.42 -9.89 -18.32
N HIS B 11 -0.68 -8.81 -18.10
CA HIS B 11 -1.25 -7.53 -17.69
C HIS B 11 -2.08 -7.59 -16.40
N SER B 12 -3.34 -8.02 -16.52
CA SER B 12 -4.22 -8.08 -15.35
C SER B 12 -5.22 -9.23 -15.45
N SER B 13 -4.79 -10.35 -16.03
CA SER B 13 -5.65 -11.52 -16.19
C SER B 13 -5.92 -12.23 -14.87
N LEU B 14 -5.01 -12.04 -13.91
CA LEU B 14 -5.16 -12.67 -12.59
C LEU B 14 -6.33 -12.04 -11.87
N GLN B 15 -6.32 -10.71 -11.86
CA GLN B 15 -7.37 -9.93 -11.25
C GLN B 15 -8.68 -10.25 -11.95
N ILE B 16 -8.65 -10.22 -13.28
CA ILE B 16 -9.81 -10.50 -14.11
C ILE B 16 -10.43 -11.88 -13.84
N LEU B 17 -9.62 -12.94 -13.94
CA LEU B 17 -10.11 -14.29 -13.73
C LEU B 17 -10.59 -14.56 -12.30
N LEU B 18 -9.85 -14.05 -11.32
CA LEU B 18 -10.25 -14.24 -9.93
C LEU B 18 -11.61 -13.57 -9.70
N GLY B 19 -11.79 -12.39 -10.29
CA GLY B 19 -13.05 -11.70 -10.14
C GLY B 19 -14.21 -12.41 -10.83
N ALA B 20 -13.91 -13.06 -11.94
CA ALA B 20 -14.94 -13.80 -12.67
C ALA B 20 -15.33 -15.06 -11.90
N LYS B 21 -14.34 -15.82 -11.45
CA LYS B 21 -14.58 -17.03 -10.70
C LYS B 21 -15.28 -16.66 -9.39
N LYS B 22 -15.12 -15.40 -8.98
CA LYS B 22 -15.72 -14.92 -7.74
C LYS B 22 -17.19 -14.62 -7.96
N GLU B 23 -17.53 -14.18 -9.17
CA GLU B 23 -18.92 -13.85 -9.49
C GLU B 23 -19.64 -15.08 -10.00
N GLY B 24 -18.97 -16.23 -9.90
CA GLY B 24 -19.57 -17.49 -10.32
C GLY B 24 -19.41 -17.87 -11.79
N PHE B 25 -18.71 -17.04 -12.57
CA PHE B 25 -18.49 -17.34 -13.98
C PHE B 25 -17.45 -18.42 -14.17
N LYS B 26 -17.42 -19.01 -15.36
CA LYS B 26 -16.44 -20.03 -15.68
C LYS B 26 -15.23 -19.30 -16.25
N THR B 27 -14.06 -19.92 -16.13
CA THR B 27 -12.81 -19.30 -16.55
C THR B 27 -11.99 -19.99 -17.64
N ARG B 28 -11.51 -19.18 -18.59
CA ARG B 28 -10.66 -19.67 -19.68
C ARG B 28 -9.52 -18.71 -19.96
N LEU B 29 -8.30 -19.21 -19.86
CA LEU B 29 -7.13 -18.39 -20.09
C LEU B 29 -6.27 -18.85 -21.26
N TYR B 30 -5.92 -17.93 -22.13
CA TYR B 30 -5.07 -18.24 -23.28
C TYR B 30 -3.67 -17.86 -22.82
N VAL B 31 -2.77 -18.83 -22.79
CA VAL B 31 -1.40 -18.57 -22.32
C VAL B 31 -0.35 -19.26 -23.21
N SER B 32 0.87 -18.75 -23.19
CA SER B 32 1.92 -19.35 -24.00
C SER B 32 2.62 -20.47 -23.24
N PRO B 33 3.34 -21.34 -23.95
CA PRO B 33 4.03 -22.44 -23.27
C PRO B 33 5.00 -21.96 -22.18
N LYS B 34 5.74 -20.90 -22.45
CA LYS B 34 6.70 -20.40 -21.47
C LYS B 34 6.05 -19.90 -20.18
N ARG B 35 4.90 -19.24 -20.29
CA ARG B 35 4.23 -18.72 -19.11
C ARG B 35 3.20 -19.63 -18.45
N ARG B 36 2.80 -20.73 -19.10
CA ARG B 36 1.78 -21.59 -18.52
C ARG B 36 2.08 -22.32 -17.22
N PRO B 37 3.35 -22.64 -16.94
CA PRO B 37 3.62 -23.35 -15.67
C PRO B 37 2.98 -22.60 -14.51
N PHE B 38 3.26 -21.30 -14.44
CA PHE B 38 2.74 -20.46 -13.37
C PHE B 38 1.21 -20.42 -13.31
N TYR B 39 0.59 -20.06 -14.43
CA TYR B 39 -0.87 -19.98 -14.48
C TYR B 39 -1.60 -21.32 -14.33
N SER B 40 -1.01 -22.42 -14.78
CA SER B 40 -1.70 -23.70 -14.63
C SER B 40 -1.76 -24.15 -13.16
N SER B 41 -0.91 -23.57 -12.33
CA SER B 41 -0.91 -23.91 -10.91
C SER B 41 -1.96 -23.11 -10.14
N LEU B 42 -2.65 -22.20 -10.84
CA LEU B 42 -3.66 -21.37 -10.21
C LEU B 42 -5.08 -21.94 -10.25
N PRO B 43 -5.71 -22.10 -9.10
CA PRO B 43 -7.07 -22.64 -8.99
C PRO B 43 -8.15 -21.74 -9.61
N ILE B 44 -7.76 -20.60 -10.17
CA ILE B 44 -8.77 -19.73 -10.74
C ILE B 44 -9.03 -19.95 -12.23
N VAL B 45 -8.22 -20.82 -12.84
CA VAL B 45 -8.39 -21.10 -14.26
C VAL B 45 -9.04 -22.46 -14.51
N ASP B 46 -10.14 -22.46 -15.25
CA ASP B 46 -10.84 -23.70 -15.58
C ASP B 46 -10.29 -24.26 -16.89
N ASP B 47 -10.49 -23.53 -17.99
CA ASP B 47 -10.00 -23.98 -19.29
C ASP B 47 -8.75 -23.19 -19.67
N LEU B 48 -7.64 -23.89 -19.81
CA LEU B 48 -6.36 -23.25 -20.15
C LEU B 48 -5.91 -23.60 -21.58
N VAL B 49 -6.06 -22.63 -22.47
CA VAL B 49 -5.71 -22.75 -23.88
C VAL B 49 -4.29 -22.29 -24.16
N VAL B 50 -3.35 -23.24 -24.24
CA VAL B 50 -1.95 -22.92 -24.52
C VAL B 50 -1.75 -22.62 -25.99
N ALA B 51 -0.93 -21.62 -26.32
CA ALA B 51 -0.70 -21.26 -27.72
C ALA B 51 0.55 -20.41 -27.93
N GLU B 52 1.19 -20.59 -29.08
CA GLU B 52 2.39 -19.82 -29.40
C GLU B 52 1.98 -18.34 -29.58
N GLU B 53 0.88 -18.13 -30.30
CA GLU B 53 0.33 -16.81 -30.59
C GLU B 53 -1.07 -16.74 -29.99
N THR B 55 -3.47 -14.93 -31.31
CA THR B 55 -4.34 -14.55 -32.40
C THR B 55 -5.62 -15.41 -32.52
N SER B 56 -5.80 -16.38 -31.62
CA SER B 56 -6.99 -17.23 -31.67
C SER B 56 -8.27 -16.51 -31.18
N ILE B 57 -8.37 -15.21 -31.49
CA ILE B 57 -9.53 -14.41 -31.07
C ILE B 57 -10.85 -14.72 -31.77
N LEU B 58 -11.14 -16.02 -31.85
CA LEU B 58 -12.38 -16.48 -32.47
C LEU B 58 -13.14 -17.08 -31.29
N ASN B 59 -12.58 -16.85 -30.10
CA ASN B 59 -13.15 -17.34 -28.86
C ASN B 59 -14.64 -17.11 -28.85
N ASP B 60 -15.41 -18.15 -29.10
CA ASP B 60 -16.86 -17.99 -29.13
C ASP B 60 -17.38 -17.96 -27.72
N ASP B 61 -18.49 -18.67 -27.53
CA ASP B 61 -19.12 -18.83 -26.24
C ASP B 61 -18.92 -17.67 -25.25
N GLY B 62 -17.69 -17.52 -24.78
CA GLY B 62 -17.38 -16.47 -23.83
C GLY B 62 -17.16 -15.04 -24.26
N ILE B 63 -17.00 -14.20 -23.25
CA ILE B 63 -16.74 -12.78 -23.38
C ILE B 63 -15.23 -12.60 -23.19
N VAL B 64 -14.57 -11.99 -24.18
CA VAL B 64 -13.12 -11.80 -24.14
C VAL B 64 -12.48 -10.87 -23.12
N VAL B 65 -13.14 -9.79 -22.71
CA VAL B 65 -12.50 -8.90 -21.70
C VAL B 65 -11.05 -8.52 -21.99
N PRO B 66 -10.83 -7.39 -22.69
CA PRO B 66 -9.49 -6.91 -23.04
C PRO B 66 -8.69 -6.22 -21.93
N HIS B 67 -7.39 -6.04 -22.15
CA HIS B 67 -6.50 -5.37 -21.20
C HIS B 67 -5.34 -4.75 -21.97
N GLY B 68 -4.35 -4.23 -21.26
CA GLY B 68 -3.23 -3.56 -21.92
C GLY B 68 -2.26 -4.35 -22.76
N SER B 69 -2.57 -5.60 -23.08
CA SER B 69 -1.66 -6.41 -23.90
C SER B 69 -2.28 -6.72 -25.25
N PHE B 70 -3.59 -6.65 -25.32
CA PHE B 70 -4.31 -6.98 -26.55
C PHE B 70 -3.84 -6.36 -27.85
N VAL B 71 -3.45 -5.10 -27.84
CA VAL B 71 -3.00 -4.49 -29.08
C VAL B 71 -1.57 -4.91 -29.39
N ALA B 72 -0.81 -5.15 -28.34
CA ALA B 72 0.57 -5.58 -28.49
C ALA B 72 0.60 -7.05 -28.93
N TYR B 73 -0.49 -7.78 -28.68
CA TYR B 73 -0.58 -9.18 -29.08
C TYR B 73 -1.44 -9.33 -30.33
N LEU B 74 -2.28 -8.34 -30.58
CA LEU B 74 -3.17 -8.37 -31.72
C LEU B 74 -3.32 -6.94 -32.19
N GLY B 75 -3.31 -6.72 -33.50
CA GLY B 75 -3.45 -5.35 -33.98
C GLY B 75 -4.79 -4.76 -33.58
N ILE B 76 -4.94 -3.46 -33.79
CA ILE B 76 -6.19 -2.78 -33.49
C ILE B 76 -7.25 -3.21 -34.51
N GLU B 77 -6.81 -3.45 -35.75
CA GLU B 77 -7.68 -3.89 -36.87
C GLU B 77 -8.37 -5.20 -36.55
N ALA B 78 -7.54 -6.21 -36.26
CA ALA B 78 -8.02 -7.53 -35.96
C ALA B 78 -9.10 -7.54 -34.88
N ILE B 79 -8.86 -6.77 -33.82
CA ILE B 79 -9.77 -6.68 -32.68
C ILE B 79 -11.11 -6.06 -33.05
N GLU B 80 -11.08 -4.94 -33.77
CA GLU B 80 -12.32 -4.27 -34.14
C GLU B 80 -13.16 -5.11 -35.10
N LYS B 81 -12.51 -6.02 -35.82
CA LYS B 81 -13.22 -6.87 -36.75
C LYS B 81 -13.26 -8.30 -36.21
N ALA B 82 -12.78 -8.49 -34.98
CA ALA B 82 -12.74 -9.82 -34.36
C ALA B 82 -14.14 -10.42 -34.25
N LYS B 83 -14.17 -11.75 -34.22
CA LYS B 83 -15.42 -12.48 -34.15
C LYS B 83 -15.92 -12.67 -32.72
N ALA B 84 -14.98 -12.79 -31.79
CA ALA B 84 -15.30 -13.00 -30.37
C ALA B 84 -16.25 -11.95 -29.77
N ARG B 85 -16.92 -12.33 -28.68
CA ARG B 85 -17.90 -11.47 -28.01
C ARG B 85 -17.44 -10.12 -27.42
N PHE B 86 -16.35 -10.11 -26.64
CA PHE B 86 -15.78 -8.87 -26.05
C PHE B 86 -16.54 -7.99 -25.06
N PHE B 87 -15.94 -7.77 -23.89
CA PHE B 87 -16.57 -6.93 -22.87
C PHE B 87 -16.36 -5.43 -23.07
N GLY B 88 -17.43 -4.66 -22.86
CA GLY B 88 -17.41 -3.20 -22.96
C GLY B 88 -16.86 -2.52 -24.20
N ASN B 89 -17.76 -2.07 -25.07
CA ASN B 89 -17.39 -1.41 -26.31
C ASN B 89 -16.29 -2.23 -26.93
N ARG B 90 -15.35 -1.61 -27.62
CA ARG B 90 -14.27 -2.35 -28.27
C ARG B 90 -13.63 -1.42 -29.26
N ARG B 91 -14.41 -0.45 -29.73
CA ARG B 91 -13.92 0.54 -30.66
C ARG B 91 -13.18 1.58 -29.85
N PHE B 92 -13.44 1.59 -28.55
CA PHE B 92 -12.82 2.51 -27.61
C PHE B 92 -11.33 2.18 -27.37
N LEU B 93 -11.04 0.89 -27.28
CA LEU B 93 -9.68 0.44 -27.05
C LEU B 93 -8.56 1.18 -27.79
N LYS B 94 -8.86 1.69 -28.98
CA LYS B 94 -7.85 2.39 -29.77
C LYS B 94 -7.60 3.84 -29.38
N TRP B 95 -8.51 4.39 -28.58
CA TRP B 95 -8.41 5.76 -28.17
C TRP B 95 -7.24 6.13 -27.25
N GLU B 96 -6.57 5.13 -26.70
CA GLU B 96 -5.44 5.40 -25.84
C GLU B 96 -4.16 5.12 -26.62
N THR B 97 -4.31 4.67 -27.86
CA THR B 97 -3.17 4.30 -28.70
C THR B 97 -2.36 5.42 -29.38
N THR B 98 -2.99 6.56 -29.67
CA THR B 98 -2.30 7.68 -30.31
C THR B 98 -2.56 9.01 -29.63
N PHE B 99 -1.64 9.95 -29.85
CA PHE B 99 -1.76 11.30 -29.30
C PHE B 99 -3.04 11.94 -29.84
N GLU B 100 -3.24 11.77 -31.14
CA GLU B 100 -4.39 12.33 -31.85
C GLU B 100 -5.69 12.02 -31.14
N LEU B 101 -5.93 10.74 -30.87
CA LEU B 101 -7.15 10.31 -30.20
C LEU B 101 -7.15 10.73 -28.72
N GLN B 102 -6.00 10.57 -28.07
CA GLN B 102 -5.88 10.93 -26.68
C GLN B 102 -6.19 12.41 -26.48
N ASP B 103 -5.63 13.26 -27.33
CA ASP B 103 -5.87 14.70 -27.25
C ASP B 103 -7.31 15.05 -27.55
N LYS B 104 -7.79 14.55 -28.68
CA LYS B 104 -9.14 14.82 -29.10
C LYS B 104 -10.14 14.61 -27.95
N ALA B 105 -10.07 13.45 -27.30
CA ALA B 105 -10.95 13.14 -26.19
C ALA B 105 -10.73 14.06 -24.98
N LEU B 106 -9.48 14.18 -24.53
CA LEU B 106 -9.18 15.02 -23.39
C LEU B 106 -9.59 16.47 -23.64
N GLU B 107 -9.39 16.95 -24.86
CA GLU B 107 -9.75 18.32 -25.19
C GLU B 107 -11.27 18.40 -25.18
N GLY B 108 -11.91 17.40 -25.80
CA GLY B 108 -13.35 17.33 -25.86
C GLY B 108 -14.04 17.25 -24.51
N ALA B 109 -13.31 16.78 -23.50
CA ALA B 109 -13.87 16.67 -22.16
C ALA B 109 -13.51 17.89 -21.30
N GLY B 110 -12.67 18.78 -21.82
CA GLY B 110 -12.28 19.96 -21.07
C GLY B 110 -11.22 19.69 -20.03
N ILE B 111 -10.62 18.50 -20.07
CA ILE B 111 -9.59 18.14 -19.11
C ILE B 111 -8.23 18.79 -19.41
N PRO B 112 -7.63 19.41 -18.40
CA PRO B 112 -6.33 20.07 -18.60
C PRO B 112 -5.26 19.05 -18.94
N ARG B 113 -4.48 19.33 -19.97
CA ARG B 113 -3.42 18.39 -20.33
C ARG B 113 -2.04 19.03 -20.26
N VAL B 114 -1.01 18.20 -20.15
CA VAL B 114 0.34 18.73 -20.09
C VAL B 114 0.57 19.38 -21.42
N GLU B 115 1.18 20.56 -21.42
CA GLU B 115 1.44 21.29 -22.65
C GLU B 115 2.51 20.61 -23.51
N VAL B 116 2.33 20.69 -24.82
CA VAL B 116 3.28 20.12 -25.77
C VAL B 116 4.35 21.17 -26.09
N VAL B 117 5.59 20.71 -26.29
CA VAL B 117 6.66 21.64 -26.57
C VAL B 117 7.45 21.31 -27.82
N GLU B 118 7.45 22.24 -28.76
CA GLU B 118 8.20 22.07 -29.99
C GLU B 118 9.47 22.88 -29.74
N PRO B 119 10.64 22.33 -30.08
CA PRO B 119 11.96 22.96 -29.92
C PRO B 119 12.01 24.50 -29.76
N GLU B 120 11.66 24.95 -28.56
CA GLU B 120 11.64 26.37 -28.18
C GLU B 120 11.84 26.37 -26.67
N ASP B 121 12.82 25.56 -26.24
CA ASP B 121 13.20 25.34 -24.85
C ASP B 121 13.51 26.56 -23.99
N ALA B 122 14.48 26.36 -23.11
CA ALA B 122 14.97 27.37 -22.19
C ALA B 122 16.32 26.88 -21.69
N LYS B 123 17.01 26.18 -22.59
CA LYS B 123 18.33 25.61 -22.37
C LYS B 123 19.20 26.48 -21.46
N PRO B 124 19.74 25.90 -20.36
CA PRO B 124 19.57 24.51 -19.94
C PRO B 124 18.71 24.46 -18.69
N ASP B 125 18.99 23.49 -17.81
CA ASP B 125 18.24 23.34 -16.57
C ASP B 125 16.73 23.37 -16.84
N GLU B 126 16.37 23.38 -18.12
CA GLU B 126 14.98 23.34 -18.54
C GLU B 126 14.85 21.96 -19.20
N LEU B 127 14.64 20.94 -18.39
CA LEU B 127 14.50 19.60 -18.92
C LEU B 127 13.09 19.35 -19.42
N TYR B 128 12.95 18.38 -20.31
CA TYR B 128 11.66 18.02 -20.88
C TYR B 128 11.49 16.51 -20.94
N PHE B 129 10.23 16.07 -21.04
CA PHE B 129 9.90 14.66 -21.11
C PHE B 129 9.58 14.36 -22.57
N VAL B 130 10.08 13.23 -23.07
CA VAL B 130 9.83 12.81 -24.45
C VAL B 130 8.95 11.57 -24.38
N ARG B 131 7.73 11.65 -24.91
CA ARG B 131 6.82 10.52 -24.85
C ARG B 131 6.86 9.63 -26.10
N ILE B 132 6.40 8.38 -25.94
CA ILE B 132 6.36 7.37 -27.01
C ILE B 132 7.68 7.27 -27.77
N GLU B 145 10.36 6.15 -23.08
CA GLU B 145 10.21 7.57 -22.76
C GLU B 145 11.60 8.19 -22.63
N GLY B 146 11.88 8.87 -21.52
CA GLY B 146 13.17 9.50 -21.36
C GLY B 146 13.08 11.03 -21.30
N SER B 147 13.95 11.66 -20.51
CA SER B 147 13.95 13.10 -20.38
C SER B 147 15.31 13.74 -20.64
N GLU B 148 15.35 14.76 -21.51
CA GLU B 148 16.60 15.45 -21.88
C GLU B 148 16.63 16.92 -21.38
N LEU B 149 17.82 17.53 -21.43
CA LEU B 149 18.03 18.90 -20.97
C LEU B 149 18.09 19.90 -22.13
N GLU B 150 18.93 20.93 -21.97
CA GLU B 150 19.10 21.97 -22.99
C GLU B 150 19.23 21.40 -24.42
N GLU B 151 20.39 20.83 -24.74
CA GLU B 151 20.66 20.24 -26.06
C GLU B 151 19.41 19.96 -26.89
N ARG B 152 18.69 18.89 -26.56
CA ARG B 152 17.45 18.55 -27.29
C ARG B 152 17.76 17.97 -28.67
N LEU B 153 19.05 18.02 -29.07
CA LEU B 153 19.49 17.53 -30.38
C LEU B 153 18.91 16.18 -30.80
N SER B 154 19.55 15.12 -30.29
CA SER B 154 19.15 13.75 -30.53
C SER B 154 17.66 13.62 -30.83
N PRO B 159 8.17 8.33 -33.83
CA PRO B 159 6.89 8.94 -33.45
C PRO B 159 6.90 9.33 -31.96
N TYR B 160 6.90 10.64 -31.69
CA TYR B 160 7.00 11.11 -30.32
C TYR B 160 6.44 12.50 -30.15
N ARG B 161 6.59 13.04 -28.94
CA ARG B 161 6.11 14.37 -28.57
C ARG B 161 6.95 14.82 -27.39
N VAL B 162 7.13 16.14 -27.25
CA VAL B 162 7.94 16.69 -26.17
C VAL B 162 7.04 17.43 -25.19
N GLU B 163 7.18 17.14 -23.90
CA GLU B 163 6.34 17.77 -22.92
C GLU B 163 7.13 18.46 -21.83
N ARG B 164 6.51 19.47 -21.24
CA ARG B 164 7.11 20.21 -20.15
C ARG B 164 7.38 19.22 -19.00
N PHE B 165 8.58 19.26 -18.43
CA PHE B 165 8.87 18.35 -17.35
C PHE B 165 8.11 18.80 -16.12
N ILE B 166 7.41 17.88 -15.47
CA ILE B 166 6.65 18.22 -14.25
C ILE B 166 6.99 17.24 -13.13
N PRO B 167 7.56 17.74 -12.03
CA PRO B 167 7.90 16.85 -10.91
C PRO B 167 6.73 16.86 -9.93
N GLY B 168 6.35 15.71 -9.39
CA GLY B 168 5.25 15.76 -8.44
C GLY B 168 4.17 14.72 -8.56
N VAL B 169 4.39 13.60 -7.88
CA VAL B 169 3.46 12.49 -7.85
C VAL B 169 2.54 12.31 -9.05
N TYR B 170 2.62 11.12 -9.64
CA TYR B 170 1.82 10.75 -10.80
C TYR B 170 0.73 9.80 -10.34
N LEU B 171 -0.51 10.24 -10.54
CA LEU B 171 -1.67 9.51 -10.11
C LEU B 171 -2.47 8.91 -11.24
N TYR B 172 -2.88 7.67 -11.04
CA TYR B 172 -3.64 6.97 -12.05
C TYR B 172 -5.01 6.65 -11.49
N VAL B 173 -6.01 7.44 -11.91
CA VAL B 173 -7.37 7.28 -11.44
C VAL B 173 -8.15 6.25 -12.23
N HIS B 174 -8.72 5.30 -11.52
CA HIS B 174 -9.49 4.23 -12.14
C HIS B 174 -10.99 4.49 -12.05
N PHE B 175 -11.68 4.32 -13.17
CA PHE B 175 -13.13 4.53 -13.25
C PHE B 175 -13.84 3.34 -13.85
N PHE B 176 -15.13 3.25 -13.60
CA PHE B 176 -15.94 2.20 -14.16
C PHE B 176 -17.31 2.77 -14.41
N TYR B 177 -17.62 3.10 -15.65
CA TYR B 177 -18.94 3.60 -15.92
C TYR B 177 -19.80 2.38 -16.18
N SER B 178 -20.94 2.25 -15.51
CA SER B 178 -21.75 1.07 -15.73
C SER B 178 -23.09 1.38 -16.35
N PRO B 179 -23.39 0.75 -17.49
CA PRO B 179 -24.69 0.99 -18.14
C PRO B 179 -25.78 0.34 -17.29
N ILE B 180 -25.52 -0.86 -16.80
CA ILE B 180 -26.51 -1.55 -16.00
C ILE B 180 -26.99 -0.73 -14.82
N LEU B 181 -26.12 0.13 -14.28
CA LEU B 181 -26.48 0.97 -13.13
C LEU B 181 -26.53 2.43 -13.51
N GLU B 182 -26.09 2.73 -14.73
CA GLU B 182 -26.09 4.09 -15.23
C GLU B 182 -25.38 5.06 -14.30
N ARG B 183 -24.20 4.67 -13.84
CA ARG B 183 -23.42 5.55 -12.98
C ARG B 183 -21.93 5.39 -13.19
N LEU B 184 -21.19 6.45 -12.87
CA LEU B 184 -19.74 6.49 -12.97
C LEU B 184 -19.18 6.21 -11.57
N GLU B 185 -18.32 5.19 -11.48
CA GLU B 185 -17.71 4.84 -10.20
C GLU B 185 -16.21 5.13 -10.20
N LEU B 186 -15.77 5.89 -9.21
CA LEU B 186 -14.36 6.22 -9.01
C LEU B 186 -13.91 5.13 -8.03
N LEU B 187 -13.21 4.13 -8.55
CA LEU B 187 -12.83 2.98 -7.73
C LEU B 187 -11.42 2.85 -7.21
N GLY B 188 -10.56 3.82 -7.49
CA GLY B 188 -9.22 3.71 -6.96
C GLY B 188 -8.25 4.69 -7.56
N VAL B 189 -7.11 4.82 -6.90
CA VAL B 189 -6.06 5.69 -7.39
C VAL B 189 -4.76 4.92 -7.18
N ASP B 190 -4.07 4.75 -8.28
CA ASP B 190 -2.83 4.03 -8.31
C ASP B 190 -1.63 4.95 -8.42
N GLU B 191 -0.47 4.41 -8.08
CA GLU B 191 0.81 5.09 -8.15
C GLU B 191 1.79 4.04 -8.70
N ARG B 192 2.48 4.35 -9.80
CA ARG B 192 3.40 3.41 -10.42
C ARG B 192 4.72 3.22 -9.68
N VAL B 193 5.24 2.00 -9.73
CA VAL B 193 6.55 1.72 -9.15
C VAL B 193 7.43 1.61 -10.38
N LEU B 194 8.30 2.59 -10.57
CA LEU B 194 9.19 2.64 -11.72
C LEU B 194 10.59 2.21 -11.37
N ILE B 195 11.40 1.91 -12.38
CA ILE B 195 12.74 1.49 -12.09
C ILE B 195 13.50 2.76 -11.81
N ALA B 196 12.83 3.88 -12.08
CA ALA B 196 13.42 5.18 -11.82
C ALA B 196 13.62 5.46 -10.33
N ASP B 197 13.52 4.42 -9.49
CA ASP B 197 13.78 4.54 -8.05
C ASP B 197 15.26 4.29 -7.79
N GLY B 198 15.59 3.64 -6.68
CA GLY B 198 17.00 3.46 -6.43
C GLY B 198 17.68 4.82 -6.56
N ASN B 199 16.90 5.87 -6.89
CA ASN B 199 17.43 7.22 -6.95
C ASN B 199 16.79 7.85 -5.75
N ALA B 200 15.71 7.23 -5.30
CA ALA B 200 15.00 7.75 -4.14
C ALA B 200 15.94 7.64 -2.96
N ARG B 201 16.60 6.49 -2.87
CA ARG B 201 17.54 6.22 -1.79
C ARG B 201 18.77 7.09 -2.01
N TRP B 202 19.31 7.03 -3.23
CA TRP B 202 20.49 7.82 -3.60
C TRP B 202 20.47 8.06 -5.10
N PRO B 203 20.21 9.32 -5.50
CA PRO B 203 20.17 9.68 -6.92
C PRO B 203 21.52 9.46 -7.62
N VAL B 204 21.48 8.92 -8.84
CA VAL B 204 22.71 8.65 -9.59
C VAL B 204 22.65 9.26 -10.98
N LYS B 205 21.76 8.73 -11.81
CA LYS B 205 21.57 9.19 -13.18
C LYS B 205 20.13 8.94 -13.65
N PRO B 206 19.71 9.63 -14.72
CA PRO B 206 18.34 9.44 -15.21
C PRO B 206 18.10 7.95 -15.53
N LEU B 207 17.07 7.38 -14.92
CA LEU B 207 16.71 5.97 -15.12
C LEU B 207 15.46 5.86 -15.98
N PRO B 208 15.19 4.65 -16.51
CA PRO B 208 14.01 4.37 -17.36
C PRO B 208 12.72 4.43 -16.56
N TYR B 209 11.65 4.86 -17.20
CA TYR B 209 10.38 4.98 -16.51
C TYR B 209 9.47 3.77 -16.68
N THR B 210 10.07 2.63 -16.97
CA THR B 210 9.32 1.38 -17.14
C THR B 210 8.67 0.95 -15.82
N ILE B 211 7.38 0.62 -15.84
CA ILE B 211 6.74 0.22 -14.60
C ILE B 211 7.10 -1.20 -14.20
N VAL B 212 7.27 -1.41 -12.90
CA VAL B 212 7.61 -2.71 -12.36
C VAL B 212 6.38 -3.21 -11.62
N GLY B 213 5.67 -2.29 -11.00
CA GLY B 213 4.48 -2.63 -10.24
C GLY B 213 3.60 -1.42 -9.95
N ASN B 214 2.66 -1.59 -9.03
CA ASN B 214 1.73 -0.52 -8.68
C ASN B 214 1.45 -0.47 -7.18
N ARG B 215 1.32 0.75 -6.65
CA ARG B 215 1.02 0.95 -5.23
C ARG B 215 -0.39 1.56 -5.06
N ALA B 216 -1.25 0.95 -4.25
CA ALA B 216 -2.57 1.54 -4.01
C ALA B 216 -2.34 2.75 -3.11
N ILE B 217 -2.96 3.87 -3.44
CA ILE B 217 -2.80 5.11 -2.67
C ILE B 217 -4.14 5.75 -2.33
N ALA B 218 -4.30 6.17 -1.08
CA ALA B 218 -5.52 6.80 -0.64
C ALA B 218 -5.34 8.28 -0.84
N LEU B 219 -5.94 8.80 -1.90
CA LEU B 219 -5.85 10.20 -2.26
C LEU B 219 -6.51 11.14 -1.24
N ARG B 220 -5.95 12.32 -1.08
CA ARG B 220 -6.53 13.32 -0.17
C ARG B 220 -7.96 13.56 -0.68
N GLU B 221 -8.93 13.32 0.19
CA GLU B 221 -10.35 13.44 -0.16
C GLU B 221 -10.80 14.71 -0.88
N SER B 222 -10.18 15.84 -0.56
CA SER B 222 -10.56 17.10 -1.18
C SER B 222 -10.29 17.17 -2.70
N LEU B 223 -9.57 16.19 -3.24
CA LEU B 223 -9.24 16.17 -4.66
C LEU B 223 -10.16 15.27 -5.49
N LEU B 224 -10.83 14.33 -4.84
CA LEU B 224 -11.69 13.40 -5.56
C LEU B 224 -12.84 14.02 -6.37
N PRO B 225 -13.56 14.98 -5.79
CA PRO B 225 -14.68 15.61 -6.50
C PRO B 225 -14.26 16.13 -7.88
N GLN B 226 -13.12 16.80 -7.91
CA GLN B 226 -12.55 17.34 -9.14
C GLN B 226 -12.33 16.25 -10.19
N LEU B 227 -11.79 15.12 -9.75
CA LEU B 227 -11.50 14.01 -10.63
C LEU B 227 -12.78 13.38 -11.16
N TYR B 228 -13.78 13.32 -10.30
CA TYR B 228 -15.08 12.78 -10.65
C TYR B 228 -15.68 13.62 -11.77
N ASP B 229 -15.55 14.94 -11.65
CA ASP B 229 -16.07 15.88 -12.64
C ASP B 229 -15.40 15.62 -13.98
N TYR B 230 -14.08 15.50 -13.95
CA TYR B 230 -13.33 15.22 -15.15
C TYR B 230 -13.82 13.90 -15.74
N GLY B 231 -14.02 12.90 -14.88
CA GLY B 231 -14.49 11.60 -15.33
C GLY B 231 -15.85 11.65 -16.00
N LEU B 232 -16.78 12.36 -15.38
CA LEU B 232 -18.12 12.52 -15.90
C LEU B 232 -18.04 13.15 -17.29
N ALA B 233 -17.25 14.21 -17.40
CA ALA B 233 -17.08 14.89 -18.66
C ALA B 233 -16.51 13.96 -19.71
N PHE B 234 -15.57 13.11 -19.31
CA PHE B 234 -14.95 12.18 -20.24
C PHE B 234 -15.99 11.24 -20.81
N VAL B 235 -16.85 10.71 -19.96
CA VAL B 235 -17.89 9.79 -20.37
C VAL B 235 -18.83 10.45 -21.39
N ARG B 236 -19.20 11.69 -21.12
CA ARG B 236 -20.10 12.42 -22.01
C ARG B 236 -19.54 12.54 -23.41
N THR B 237 -18.33 13.10 -23.53
CA THR B 237 -17.75 13.26 -24.85
C THR B 237 -17.43 11.95 -25.57
N ARG B 239 -19.23 9.36 -25.35
CA ARG B 239 -20.52 8.84 -25.77
C ARG B 239 -20.83 9.43 -27.17
N GLU B 240 -20.19 10.55 -27.48
CA GLU B 240 -20.34 11.25 -28.75
C GLU B 240 -19.26 10.78 -29.73
N LEU B 241 -18.02 11.09 -29.38
CA LEU B 241 -16.83 10.77 -30.16
C LEU B 241 -16.74 9.31 -30.61
N GLU B 242 -17.34 8.40 -29.85
CA GLU B 242 -17.30 7.00 -30.24
C GLU B 242 -18.61 6.36 -29.79
N PRO B 243 -19.67 6.54 -30.60
CA PRO B 243 -21.04 6.06 -30.37
C PRO B 243 -21.40 5.59 -28.97
N PRO B 244 -21.26 4.29 -28.63
CA PRO B 244 -21.69 4.03 -27.24
C PRO B 244 -20.78 4.67 -26.18
N GLY B 245 -19.48 4.72 -26.45
CA GLY B 245 -18.51 5.37 -25.56
C GLY B 245 -18.25 5.03 -24.10
N VAL B 246 -17.25 4.18 -23.87
CA VAL B 246 -16.83 3.80 -22.51
C VAL B 246 -17.87 2.98 -21.76
N ILE B 247 -17.72 1.66 -21.78
CA ILE B 247 -18.68 0.82 -21.11
C ILE B 247 -18.18 0.23 -19.81
N GLY B 248 -16.91 -0.12 -19.71
CA GLY B 248 -16.48 -0.67 -18.44
C GLY B 248 -15.44 0.17 -17.74
N PRO B 249 -14.23 -0.37 -17.58
CA PRO B 249 -13.15 0.36 -16.93
C PRO B 249 -12.39 1.32 -17.87
N PHE B 250 -11.83 2.37 -17.27
CA PHE B 250 -11.03 3.32 -18.02
C PHE B 250 -10.27 4.12 -16.99
N ALA B 251 -9.17 4.73 -17.39
CA ALA B 251 -8.39 5.50 -16.46
C ALA B 251 -7.84 6.78 -17.03
N LEU B 252 -7.78 7.80 -16.18
CA LEU B 252 -7.22 9.07 -16.58
C LEU B 252 -5.88 9.14 -15.88
N HIS B 253 -4.85 9.55 -16.59
CA HIS B 253 -3.54 9.65 -15.99
C HIS B 253 -3.19 11.12 -15.74
N PHE B 254 -2.70 11.42 -14.54
CA PHE B 254 -2.36 12.79 -14.20
C PHE B 254 -1.02 13.03 -13.56
N ALA B 255 -0.60 14.28 -13.65
CA ALA B 255 0.64 14.76 -13.03
C ALA B 255 0.13 15.81 -12.04
N TYR B 256 0.37 15.58 -10.75
CA TYR B 256 -0.11 16.56 -9.80
C TYR B 256 0.99 17.56 -9.46
N ASP B 257 0.78 18.77 -9.94
CA ASP B 257 1.67 19.92 -9.78
C ASP B 257 1.19 20.59 -8.51
N GLY B 258 -0.11 20.43 -8.33
CA GLY B 258 -0.86 21.03 -7.26
C GLY B 258 -2.01 21.61 -8.07
N SER B 259 -2.10 21.18 -9.33
CA SER B 259 -3.14 21.66 -10.23
C SER B 259 -3.58 20.72 -11.36
N PHE B 260 -3.32 19.43 -11.26
CA PHE B 260 -3.75 18.47 -12.29
C PHE B 260 -3.61 18.81 -13.78
N LYS B 261 -2.81 17.99 -14.47
CA LYS B 261 -2.57 18.11 -15.90
C LYS B 261 -2.67 16.67 -16.38
N ALA B 262 -3.50 16.42 -17.39
CA ALA B 262 -3.65 15.06 -17.91
C ALA B 262 -2.48 14.72 -18.83
N ILE B 263 -1.94 13.52 -18.67
CA ILE B 263 -0.83 13.06 -19.47
C ILE B 263 -1.27 11.91 -20.36
N GLY B 264 -2.41 11.31 -20.03
CA GLY B 264 -2.90 10.18 -20.82
C GLY B 264 -4.17 9.52 -20.31
N ILE B 265 -4.52 8.38 -20.89
CA ILE B 265 -5.71 7.65 -20.50
C ILE B 265 -5.54 6.15 -20.71
N ALA B 266 -6.49 5.39 -20.19
CA ALA B 266 -6.47 3.95 -20.36
C ALA B 266 -7.85 3.67 -20.91
N SER B 267 -7.91 3.12 -22.11
CA SER B 267 -9.20 2.82 -22.70
C SER B 267 -9.69 1.43 -22.31
N ARG B 268 -9.11 0.89 -21.25
CA ARG B 268 -9.46 -0.44 -20.73
C ARG B 268 -8.92 -0.58 -19.33
N ILE B 269 -9.09 -1.74 -18.70
CA ILE B 269 -8.60 -1.95 -17.35
C ILE B 269 -7.12 -1.58 -17.32
N ASP B 270 -6.83 -0.55 -16.54
CA ASP B 270 -5.49 0.01 -16.45
C ASP B 270 -4.28 -0.80 -15.99
N GLY B 271 -4.43 -1.60 -14.94
CA GLY B 271 -3.27 -2.36 -14.48
C GLY B 271 -2.93 -1.91 -13.08
N GLY B 272 -3.05 -0.61 -12.82
CA GLY B 272 -2.80 -0.08 -11.50
C GLY B 272 -3.98 -0.54 -10.65
N SER B 273 -4.91 -1.22 -11.31
CA SER B 273 -6.07 -1.75 -10.63
C SER B 273 -5.77 -3.09 -9.97
N ASN B 274 -4.55 -3.60 -10.16
CA ASN B 274 -4.14 -4.86 -9.53
C ASN B 274 -3.84 -4.55 -8.06
N ALA B 275 -3.59 -3.29 -7.75
CA ALA B 275 -3.30 -2.89 -6.38
C ALA B 275 -4.59 -3.00 -5.58
N ASP B 276 -4.46 -3.14 -4.26
CA ASP B 276 -5.61 -3.29 -3.35
C ASP B 276 -6.33 -1.96 -3.01
N HIS B 277 -7.32 -1.59 -3.82
CA HIS B 277 -8.09 -0.36 -3.59
C HIS B 277 -9.38 -0.69 -2.86
N TRP B 278 -9.90 0.27 -2.09
CA TRP B 278 -11.18 0.08 -1.42
C TRP B 278 -12.13 0.96 -2.27
N TYR B 279 -12.69 2.04 -1.76
CA TYR B 279 -13.55 2.89 -2.62
C TYR B 279 -14.79 2.18 -3.14
N SER B 280 -14.63 1.03 -3.79
CA SER B 280 -15.77 0.29 -4.30
C SER B 280 -16.75 0.05 -3.15
N GLU B 281 -16.21 0.08 -1.93
CA GLU B 281 -16.98 -0.12 -0.72
C GLU B 281 -17.98 1.01 -0.54
N LEU B 282 -17.75 2.10 -1.28
CA LEU B 282 -18.65 3.24 -1.23
C LEU B 282 -19.91 2.95 -2.04
N TYR B 283 -19.80 2.10 -3.07
CA TYR B 283 -20.95 1.76 -3.88
C TYR B 283 -21.49 0.41 -3.47
N TRP B 284 -20.61 -0.40 -2.90
CA TRP B 284 -20.97 -1.74 -2.45
C TRP B 284 -20.62 -1.97 -1.01
N GLY B 285 -21.22 -2.98 -0.41
CA GLY B 285 -20.90 -3.19 0.98
C GLY B 285 -19.50 -3.78 1.10
N GLU B 286 -19.17 -4.56 0.09
CA GLU B 286 -17.92 -5.26 0.00
C GLU B 286 -16.85 -4.57 -0.85
N ARG B 287 -15.60 -4.96 -0.62
CA ARG B 287 -14.44 -4.40 -1.30
C ARG B 287 -14.58 -4.50 -2.80
N LEU B 288 -14.27 -5.66 -3.37
CA LEU B 288 -14.44 -5.86 -4.80
C LEU B 288 -13.46 -5.10 -5.73
N SER B 289 -12.57 -5.83 -6.40
CA SER B 289 -11.60 -5.23 -7.32
C SER B 289 -12.22 -4.84 -8.67
N GLY B 291 -11.41 -6.05 -11.58
CA GLY B 291 -11.63 -7.24 -12.36
C GLY B 291 -12.91 -7.89 -11.90
N ARG B 292 -13.22 -7.75 -10.61
CA ARG B 292 -14.44 -8.34 -10.08
C ARG B 292 -15.64 -7.45 -10.41
N ARG B 293 -15.36 -6.16 -10.60
CA ARG B 293 -16.41 -5.21 -10.93
C ARG B 293 -16.89 -5.50 -12.34
N ILE B 294 -15.95 -5.76 -13.24
CA ILE B 294 -16.28 -6.09 -14.61
C ILE B 294 -17.18 -7.35 -14.61
N ALA B 295 -16.81 -8.34 -13.82
CA ALA B 295 -17.57 -9.58 -13.75
C ALA B 295 -18.94 -9.39 -13.14
N ARG B 296 -19.05 -8.49 -12.16
CA ARG B 296 -20.33 -8.26 -11.54
C ARG B 296 -21.24 -7.51 -12.50
N GLU B 297 -20.62 -6.75 -13.40
CA GLU B 297 -21.36 -6.00 -14.40
C GLU B 297 -21.95 -7.01 -15.37
N LEU B 298 -21.18 -8.04 -15.63
CA LEU B 298 -21.59 -9.10 -16.53
C LEU B 298 -22.75 -9.87 -15.89
N ARG B 299 -22.55 -10.30 -14.65
CA ARG B 299 -23.58 -11.06 -13.98
C ARG B 299 -24.89 -10.29 -13.85
N LEU B 300 -24.79 -8.99 -13.62
CA LEU B 300 -25.98 -8.17 -13.47
C LEU B 300 -26.73 -8.10 -14.80
N ALA B 301 -25.98 -8.00 -15.89
CA ALA B 301 -26.58 -7.94 -17.20
C ALA B 301 -27.30 -9.26 -17.51
N GLU B 302 -26.68 -10.37 -17.11
CA GLU B 302 -27.24 -11.69 -17.34
C GLU B 302 -28.61 -11.80 -16.71
N GLU B 303 -28.65 -11.54 -15.41
CA GLU B 303 -29.87 -11.63 -14.64
C GLU B 303 -30.96 -10.67 -15.08
N GLU B 304 -30.64 -9.80 -16.04
CA GLU B 304 -31.64 -8.82 -16.49
C GLU B 304 -31.83 -8.82 -18.01
N ASP B 305 -31.28 -9.84 -18.65
CA ASP B 305 -31.40 -9.97 -20.10
C ASP B 305 -30.77 -8.76 -20.82
N ARG B 306 -30.08 -7.90 -20.07
CA ARG B 306 -29.41 -6.75 -20.69
C ARG B 306 -28.32 -7.46 -21.47
N LEU B 307 -27.10 -7.44 -20.95
CA LEU B 307 -25.97 -8.13 -21.59
C LEU B 307 -25.63 -7.68 -23.01
N GLU B 308 -26.50 -6.89 -23.63
CA GLU B 308 -26.21 -6.41 -24.97
C GLU B 308 -25.59 -5.03 -24.77
N GLU B 309 -26.05 -4.36 -23.71
CA GLU B 309 -25.58 -3.03 -23.39
C GLU B 309 -24.13 -3.00 -22.89
N VAL B 310 -23.58 -4.15 -22.53
CA VAL B 310 -22.20 -4.18 -22.04
C VAL B 310 -21.19 -4.95 -22.90
N VAL B 311 -21.61 -5.47 -24.04
CA VAL B 311 -20.67 -6.23 -24.87
C VAL B 311 -20.55 -5.70 -26.29
N THR B 312 -19.75 -6.40 -27.08
CA THR B 312 -19.52 -6.02 -28.45
C THR B 312 -19.13 -7.18 -29.33
N ILE C 4 -1.43 -24.65 21.73
CA ILE C 4 -0.88 -25.27 20.49
C ILE C 4 0.07 -24.39 19.68
N VAL C 5 -0.32 -23.16 19.34
CA VAL C 5 0.55 -22.30 18.54
C VAL C 5 1.19 -21.18 19.34
N SER C 6 2.51 -21.20 19.40
CA SER C 6 3.28 -20.21 20.14
C SER C 6 4.52 -19.74 19.38
N THR C 7 5.04 -18.57 19.78
CA THR C 7 6.20 -17.98 19.14
C THR C 7 6.67 -16.73 19.88
N ILE C 8 7.87 -16.27 19.57
CA ILE C 8 8.45 -15.09 20.21
C ILE C 8 7.74 -13.83 19.77
N ALA C 9 7.62 -12.88 20.69
CA ALA C 9 6.95 -11.62 20.41
C ALA C 9 7.84 -10.59 19.74
N SER C 10 7.77 -10.57 18.40
CA SER C 10 8.53 -9.63 17.60
C SER C 10 8.47 -10.10 16.16
N HIS C 11 9.09 -9.33 15.27
CA HIS C 11 9.17 -9.66 13.85
C HIS C 11 7.80 -9.77 13.16
N SER C 12 7.13 -10.89 13.34
CA SER C 12 5.84 -11.09 12.72
C SER C 12 4.91 -11.97 13.55
N SER C 13 5.02 -11.86 14.88
CA SER C 13 4.20 -12.67 15.78
C SER C 13 2.76 -12.23 15.77
N LEU C 14 2.50 -10.97 15.41
CA LEU C 14 1.15 -10.47 15.35
C LEU C 14 0.40 -11.18 14.24
N GLN C 15 1.02 -11.17 13.07
CA GLN C 15 0.47 -11.81 11.89
C GLN C 15 0.29 -13.29 12.19
N ILE C 16 1.33 -13.90 12.75
CA ILE C 16 1.30 -15.31 13.07
C ILE C 16 0.17 -15.69 14.03
N LEU C 17 0.08 -14.99 15.16
CA LEU C 17 -0.95 -15.31 16.16
C LEU C 17 -2.37 -15.04 15.68
N LEU C 18 -2.56 -13.92 14.98
CA LEU C 18 -3.90 -13.60 14.47
C LEU C 18 -4.33 -14.70 13.51
N GLY C 19 -3.42 -15.14 12.65
CA GLY C 19 -3.74 -16.19 11.71
C GLY C 19 -4.08 -17.51 12.37
N ALA C 20 -3.41 -17.79 13.49
CA ALA C 20 -3.64 -19.03 14.23
C ALA C 20 -4.99 -18.97 14.93
N LYS C 21 -5.25 -17.85 15.61
CA LYS C 21 -6.51 -17.67 16.29
C LYS C 21 -7.63 -17.67 15.24
N LYS C 22 -7.28 -17.33 14.01
CA LYS C 22 -8.24 -17.29 12.91
C LYS C 22 -8.58 -18.69 12.41
N GLU C 23 -7.59 -19.59 12.50
CA GLU C 23 -7.79 -20.97 12.05
C GLU C 23 -8.27 -21.83 13.21
N GLY C 24 -8.67 -21.18 14.30
CA GLY C 24 -9.19 -21.90 15.43
C GLY C 24 -8.19 -22.44 16.42
N PHE C 25 -6.90 -22.19 16.18
CA PHE C 25 -5.88 -22.66 17.11
C PHE C 25 -5.79 -21.81 18.35
N LYS C 26 -5.19 -22.36 19.39
CA LYS C 26 -5.02 -21.64 20.63
C LYS C 26 -3.72 -20.88 20.48
N THR C 27 -3.56 -19.81 21.24
CA THR C 27 -2.40 -18.95 21.15
C THR C 27 -1.53 -18.77 22.41
N ARG C 28 -0.21 -18.83 22.21
CA ARG C 28 0.76 -18.62 23.29
C ARG C 28 1.93 -17.77 22.81
N LEU C 29 2.15 -16.66 23.50
CA LEU C 29 3.22 -15.75 23.13
C LEU C 29 4.24 -15.58 24.25
N TYR C 30 5.53 -15.71 23.90
CA TYR C 30 6.62 -15.51 24.85
C TYR C 30 7.05 -14.07 24.59
N VAL C 31 6.99 -13.24 25.62
CA VAL C 31 7.36 -11.84 25.49
C VAL C 31 8.18 -11.37 26.71
N SER C 32 8.94 -10.30 26.55
CA SER C 32 9.72 -9.76 27.64
C SER C 32 8.90 -8.77 28.45
N PRO C 33 9.37 -8.46 29.66
CA PRO C 33 8.61 -7.50 30.47
C PRO C 33 8.41 -6.15 29.83
N LYS C 34 9.44 -5.64 29.15
CA LYS C 34 9.35 -4.30 28.53
C LYS C 34 8.34 -4.22 27.39
N ARG C 35 8.21 -5.30 26.63
CA ARG C 35 7.30 -5.35 25.50
C ARG C 35 5.90 -5.91 25.78
N ARG C 36 5.69 -6.57 26.92
CA ARG C 36 4.38 -7.15 27.20
C ARG C 36 3.19 -6.21 27.35
N PRO C 37 3.38 -4.96 27.81
CA PRO C 37 2.20 -4.09 27.93
C PRO C 37 1.37 -4.09 26.63
N PHE C 38 2.05 -3.82 25.53
CA PHE C 38 1.41 -3.79 24.23
C PHE C 38 0.75 -5.09 23.84
N TYR C 39 1.50 -6.18 23.92
CA TYR C 39 0.97 -7.49 23.54
C TYR C 39 -0.10 -8.07 24.45
N SER C 40 -0.11 -7.67 25.72
CA SER C 40 -1.12 -8.21 26.63
C SER C 40 -2.47 -7.57 26.38
N SER C 41 -2.47 -6.41 25.75
CA SER C 41 -3.71 -5.71 25.43
C SER C 41 -4.35 -6.25 24.15
N LEU C 42 -3.70 -7.23 23.53
CA LEU C 42 -4.21 -7.82 22.29
C LEU C 42 -5.05 -9.06 22.51
N PRO C 43 -6.31 -9.04 22.03
CA PRO C 43 -7.25 -10.16 22.16
C PRO C 43 -6.83 -11.41 21.41
N ILE C 44 -5.71 -11.39 20.71
CA ILE C 44 -5.29 -12.56 19.96
C ILE C 44 -4.37 -13.52 20.71
N VAL C 45 -3.96 -13.13 21.92
CA VAL C 45 -3.08 -13.97 22.73
C VAL C 45 -3.80 -14.64 23.90
N ASP C 46 -3.72 -15.96 23.97
CA ASP C 46 -4.38 -16.67 25.05
C ASP C 46 -3.40 -16.85 26.24
N ASP C 47 -2.31 -17.57 26.02
CA ASP C 47 -1.33 -17.76 27.07
C ASP C 47 -0.14 -16.84 26.82
N LEU C 48 0.16 -15.94 27.77
CA LEU C 48 1.26 -15.00 27.61
C LEU C 48 2.38 -15.28 28.58
N VAL C 49 3.45 -15.87 28.05
CA VAL C 49 4.61 -16.24 28.85
C VAL C 49 5.66 -15.15 28.90
N VAL C 50 5.67 -14.36 29.97
CA VAL C 50 6.65 -13.29 30.11
C VAL C 50 7.99 -13.87 30.56
N ALA C 51 9.09 -13.32 30.05
CA ALA C 51 10.42 -13.80 30.40
C ALA C 51 11.53 -12.83 30.00
N GLU C 52 12.62 -12.84 30.77
CA GLU C 52 13.76 -11.98 30.49
C GLU C 52 14.40 -12.44 29.17
N GLU C 53 14.62 -13.76 29.08
CA GLU C 53 15.23 -14.42 27.92
C GLU C 53 14.20 -15.36 27.29
N THR C 55 15.02 -18.11 25.72
CA THR C 55 15.64 -19.42 25.66
C THR C 55 14.79 -20.56 26.21
N SER C 56 13.55 -20.28 26.57
CA SER C 56 12.66 -21.30 27.11
C SER C 56 12.05 -22.16 25.98
N ILE C 57 12.85 -22.44 24.97
CA ILE C 57 12.43 -23.25 23.81
C ILE C 57 12.27 -24.76 24.11
N LEU C 58 11.57 -25.06 25.20
CA LEU C 58 11.27 -26.42 25.60
C LEU C 58 9.76 -26.50 25.42
N ASN C 59 9.20 -25.41 24.89
CA ASN C 59 7.76 -25.31 24.64
C ASN C 59 7.22 -26.61 24.09
N ASP C 60 6.57 -27.38 24.96
CA ASP C 60 6.02 -28.65 24.52
C ASP C 60 4.71 -28.37 23.84
N ASP C 61 3.77 -29.27 24.05
CA ASP C 61 2.41 -29.16 23.52
C ASP C 61 2.34 -28.54 22.15
N GLY C 62 2.55 -27.23 22.09
CA GLY C 62 2.47 -26.50 20.83
C GLY C 62 3.59 -26.55 19.80
N ILE C 63 3.30 -25.95 18.64
CA ILE C 63 4.20 -25.83 17.52
C ILE C 63 4.81 -24.44 17.59
N VAL C 64 6.14 -24.36 17.63
CA VAL C 64 6.82 -23.08 17.78
C VAL C 64 6.78 -22.03 16.67
N VAL C 65 6.72 -22.43 15.40
CA VAL C 65 6.66 -21.42 14.32
C VAL C 65 7.71 -20.30 14.45
N PRO C 66 8.86 -20.46 13.77
CA PRO C 66 9.94 -19.46 13.82
C PRO C 66 9.80 -18.23 12.89
N HIS C 67 10.60 -17.21 13.13
CA HIS C 67 10.58 -16.00 12.32
C HIS C 67 11.97 -15.37 12.36
N GLY C 68 12.13 -14.17 11.81
CA GLY C 68 13.44 -13.51 11.77
C GLY C 68 14.14 -13.10 13.05
N SER C 69 13.64 -13.48 14.21
CA SER C 69 14.30 -13.08 15.46
C SER C 69 14.88 -14.27 16.21
N PHE C 70 14.41 -15.47 15.85
CA PHE C 70 14.85 -16.68 16.52
C PHE C 70 16.35 -16.92 16.66
N VAL C 71 17.12 -16.64 15.62
CA VAL C 71 18.55 -16.85 15.72
C VAL C 71 19.20 -15.74 16.55
N ALA C 72 18.65 -14.54 16.46
CA ALA C 72 19.18 -13.41 17.22
C ALA C 72 18.82 -13.56 18.70
N TYR C 73 17.78 -14.35 19.00
CA TYR C 73 17.35 -14.58 20.39
C TYR C 73 17.86 -15.94 20.87
N LEU C 74 18.10 -16.83 19.91
CA LEU C 74 18.59 -18.17 20.20
C LEU C 74 19.58 -18.58 19.10
N GLY C 75 20.70 -19.20 19.48
CA GLY C 75 21.66 -19.59 18.47
C GLY C 75 21.07 -20.63 17.54
N ILE C 76 21.75 -20.87 16.42
CA ILE C 76 21.31 -21.84 15.42
C ILE C 76 21.42 -23.26 15.98
N GLU C 77 22.43 -23.46 16.83
CA GLU C 77 22.71 -24.76 17.47
C GLU C 77 21.53 -25.19 18.35
N ALA C 78 21.18 -24.29 19.27
CA ALA C 78 20.11 -24.53 20.21
C ALA C 78 18.81 -24.90 19.52
N ILE C 79 18.50 -24.21 18.44
CA ILE C 79 17.27 -24.45 17.67
C ILE C 79 17.24 -25.81 16.98
N GLU C 80 18.34 -26.16 16.31
CA GLU C 80 18.40 -27.44 15.61
C GLU C 80 18.36 -28.61 16.61
N LYS C 81 18.80 -28.37 17.84
CA LYS C 81 18.78 -29.42 18.85
C LYS C 81 17.65 -29.16 19.85
N ALA C 82 16.81 -28.17 19.56
CA ALA C 82 15.70 -27.83 20.45
C ALA C 82 14.73 -28.98 20.64
N LYS C 83 14.07 -28.98 21.79
CA LYS C 83 13.11 -30.00 22.16
C LYS C 83 11.71 -29.74 21.58
N ALA C 84 11.33 -28.46 21.52
CA ALA C 84 10.02 -28.04 21.02
C ALA C 84 9.66 -28.60 19.64
N ARG C 85 8.37 -28.64 19.36
CA ARG C 85 7.86 -29.19 18.11
C ARG C 85 8.27 -28.52 16.77
N PHE C 86 8.19 -27.18 16.65
CA PHE C 86 8.57 -26.41 15.43
C PHE C 86 7.90 -26.63 14.07
N PHE C 87 7.34 -25.55 13.51
CA PHE C 87 6.69 -25.61 12.20
C PHE C 87 7.66 -25.59 11.01
N GLY C 88 7.37 -26.36 9.97
CA GLY C 88 8.18 -26.41 8.75
C GLY C 88 9.70 -26.54 8.82
N ASN C 89 10.19 -27.76 8.55
CA ASN C 89 11.62 -28.05 8.61
C ASN C 89 12.16 -27.36 9.84
N ARG C 90 13.41 -26.92 9.81
CA ARG C 90 14.01 -26.25 10.97
C ARG C 90 15.50 -26.24 10.70
N ARG C 91 15.93 -27.16 9.87
CA ARG C 91 17.35 -27.22 9.53
C ARG C 91 17.58 -26.19 8.46
N PHE C 92 16.49 -25.80 7.81
CA PHE C 92 16.50 -24.81 6.75
C PHE C 92 16.78 -23.40 7.27
N LEU C 93 16.26 -23.10 8.44
CA LEU C 93 16.43 -21.78 9.04
C LEU C 93 17.84 -21.21 8.97
N LYS C 94 18.86 -22.06 8.94
CA LYS C 94 20.23 -21.55 8.91
C LYS C 94 20.73 -21.15 7.52
N TRP C 95 20.03 -21.60 6.49
CA TRP C 95 20.41 -21.31 5.13
C TRP C 95 20.38 -19.84 4.66
N GLU C 96 19.84 -18.96 5.48
CA GLU C 96 19.77 -17.56 5.10
C GLU C 96 20.78 -16.82 5.96
N THR C 97 21.41 -17.55 6.85
CA THR C 97 22.37 -16.98 7.78
C THR C 97 23.77 -16.61 7.27
N THR C 98 24.25 -17.31 6.25
CA THR C 98 25.59 -17.05 5.70
C THR C 98 25.62 -16.98 4.18
N PHE C 99 26.66 -16.34 3.66
CA PHE C 99 26.85 -16.20 2.22
C PHE C 99 27.01 -17.60 1.63
N GLU C 100 27.84 -18.40 2.29
CA GLU C 100 28.12 -19.75 1.83
C GLU C 100 26.86 -20.53 1.52
N LEU C 101 25.94 -20.57 2.48
CA LEU C 101 24.68 -21.28 2.28
C LEU C 101 23.78 -20.58 1.29
N GLN C 102 23.70 -19.26 1.40
CA GLN C 102 22.86 -18.48 0.51
C GLN C 102 23.27 -18.71 -0.94
N ASP C 103 24.57 -18.58 -1.21
CA ASP C 103 25.10 -18.79 -2.56
C ASP C 103 24.85 -20.20 -3.04
N LYS C 104 25.28 -21.16 -2.24
CA LYS C 104 25.13 -22.57 -2.56
C LYS C 104 23.74 -22.86 -3.11
N ALA C 105 22.73 -22.46 -2.34
CA ALA C 105 21.35 -22.67 -2.73
C ALA C 105 20.95 -21.92 -4.01
N LEU C 106 21.26 -20.64 -4.05
CA LEU C 106 20.92 -19.82 -5.21
C LEU C 106 21.61 -20.32 -6.47
N GLU C 107 22.86 -20.73 -6.34
CA GLU C 107 23.58 -21.27 -7.49
C GLU C 107 22.91 -22.60 -7.85
N GLY C 108 22.66 -23.43 -6.85
CA GLY C 108 22.03 -24.71 -7.09
C GLY C 108 20.68 -24.63 -7.76
N ALA C 109 20.00 -23.50 -7.63
CA ALA C 109 18.68 -23.33 -8.24
C ALA C 109 18.78 -22.60 -9.59
N GLY C 110 19.99 -22.16 -9.91
CA GLY C 110 20.21 -21.48 -11.18
C GLY C 110 19.67 -20.07 -11.19
N ILE C 111 19.48 -19.52 -10.00
CA ILE C 111 18.96 -18.16 -9.87
C ILE C 111 20.10 -17.14 -10.03
N PRO C 112 19.88 -16.13 -10.87
CA PRO C 112 20.90 -15.10 -11.09
C PRO C 112 21.15 -14.33 -9.81
N ARG C 113 22.40 -14.15 -9.42
CA ARG C 113 22.65 -13.40 -8.20
C ARG C 113 23.51 -12.17 -8.47
N VAL C 114 23.48 -11.19 -7.58
CA VAL C 114 24.29 -10.01 -7.78
C VAL C 114 25.74 -10.46 -7.73
N GLU C 115 26.55 -9.93 -8.63
CA GLU C 115 27.95 -10.31 -8.70
C GLU C 115 28.73 -9.76 -7.50
N VAL C 116 29.71 -10.54 -7.04
CA VAL C 116 30.57 -10.18 -5.91
C VAL C 116 31.77 -9.42 -6.46
N VAL C 117 32.29 -8.48 -5.69
CA VAL C 117 33.41 -7.69 -6.16
C VAL C 117 34.52 -7.62 -5.15
N GLU C 118 35.70 -8.06 -5.56
CA GLU C 118 36.87 -7.99 -4.71
C GLU C 118 37.64 -6.80 -5.26
N PRO C 119 38.09 -5.89 -4.37
CA PRO C 119 38.86 -4.68 -4.72
C PRO C 119 39.50 -4.69 -6.14
N GLU C 120 38.68 -4.33 -7.12
CA GLU C 120 39.06 -4.24 -8.53
C GLU C 120 37.99 -3.35 -9.13
N ASP C 121 37.72 -2.25 -8.43
CA ASP C 121 36.72 -1.23 -8.75
C ASP C 121 36.76 -0.57 -10.13
N ALA C 122 36.50 0.73 -10.10
CA ALA C 122 36.50 1.57 -11.28
C ALA C 122 36.47 3.02 -10.75
N LYS C 123 37.10 3.16 -9.59
CA LYS C 123 37.24 4.45 -8.89
C LYS C 123 37.32 5.65 -9.84
N PRO C 124 36.42 6.64 -9.66
CA PRO C 124 35.36 6.71 -8.66
C PRO C 124 34.02 6.59 -9.36
N ASP C 125 33.02 7.30 -8.84
CA ASP C 125 31.68 7.28 -9.42
C ASP C 125 31.21 5.84 -9.64
N GLU C 126 32.04 4.89 -9.21
CA GLU C 126 31.72 3.47 -9.30
C GLU C 126 31.54 3.07 -7.84
N LEU C 127 30.32 3.26 -7.32
CA LEU C 127 30.02 2.91 -5.94
C LEU C 127 29.66 1.44 -5.83
N TYR C 128 29.80 0.91 -4.62
CA TYR C 128 29.47 -0.48 -4.38
C TYR C 128 28.70 -0.63 -3.08
N PHE C 129 28.05 -1.77 -2.92
CA PHE C 129 27.29 -2.07 -1.72
C PHE C 129 28.12 -3.07 -0.90
N VAL C 130 28.21 -2.83 0.42
CA VAL C 130 28.93 -3.72 1.32
C VAL C 130 27.89 -4.41 2.21
N ARG C 131 27.76 -5.73 2.08
CA ARG C 131 26.78 -6.49 2.86
C ARG C 131 27.31 -7.01 4.21
N ILE C 132 26.39 -7.37 5.10
CA ILE C 132 26.70 -7.88 6.44
C ILE C 132 27.82 -7.09 7.13
N GLU C 145 24.92 -2.34 6.74
CA GLU C 145 25.27 -2.41 5.33
C GLU C 145 26.06 -1.14 5.05
N GLY C 146 25.69 -0.39 4.01
CA GLY C 146 26.42 0.82 3.66
C GLY C 146 27.07 0.74 2.29
N SER C 147 27.16 1.86 1.59
CA SER C 147 27.76 1.88 0.25
C SER C 147 28.87 2.92 0.14
N GLU C 148 30.01 2.53 -0.42
CA GLU C 148 31.17 3.44 -0.58
C GLU C 148 31.48 3.68 -2.06
N LEU C 149 32.35 4.66 -2.30
CA LEU C 149 32.76 5.04 -3.67
C LEU C 149 34.15 4.49 -4.04
N GLU C 150 34.89 5.26 -4.84
CA GLU C 150 36.25 4.89 -5.28
C GLU C 150 37.10 4.34 -4.12
N GLU C 151 37.55 5.21 -3.22
CA GLU C 151 38.40 4.82 -2.08
C GLU C 151 38.37 3.33 -1.75
N ARG C 152 37.28 2.85 -1.15
CA ARG C 152 37.17 1.43 -0.81
C ARG C 152 38.11 1.04 0.35
N LEU C 153 38.98 1.96 0.78
CA LEU C 153 39.93 1.72 1.89
C LEU C 153 39.33 1.06 3.12
N SER C 154 38.72 1.87 3.97
CA SER C 154 38.05 1.45 5.22
C SER C 154 37.55 0.02 5.15
N PRO C 159 33.09 -9.58 8.94
CA PRO C 159 32.58 -10.55 7.96
C PRO C 159 31.66 -9.84 6.98
N TYR C 160 32.11 -9.71 5.72
CA TYR C 160 31.32 -9.00 4.72
C TYR C 160 31.62 -9.44 3.30
N ARG C 161 31.00 -8.76 2.36
CA ARG C 161 31.16 -9.01 0.94
C ARG C 161 30.87 -7.68 0.24
N VAL C 162 31.46 -7.48 -0.93
CA VAL C 162 31.25 -6.23 -1.68
C VAL C 162 30.51 -6.57 -2.97
N GLU C 163 29.42 -5.86 -3.23
CA GLU C 163 28.63 -6.14 -4.41
C GLU C 163 28.47 -4.90 -5.30
N ARG C 164 28.24 -5.17 -6.58
CA ARG C 164 28.02 -4.14 -7.57
C ARG C 164 26.79 -3.34 -7.11
N PHE C 165 26.87 -2.02 -7.17
CA PHE C 165 25.75 -1.21 -6.77
C PHE C 165 24.67 -1.29 -7.85
N ILE C 166 23.43 -1.53 -7.43
CA ILE C 166 22.34 -1.62 -8.38
C ILE C 166 21.17 -0.73 -7.96
N PRO C 167 20.83 0.26 -8.79
CA PRO C 167 19.71 1.12 -8.40
C PRO C 167 18.46 0.59 -9.10
N GLY C 168 17.32 0.56 -8.41
CA GLY C 168 16.14 0.08 -9.12
C GLY C 168 15.25 -0.90 -8.41
N VAL C 169 14.34 -0.38 -7.62
CA VAL C 169 13.38 -1.19 -6.87
C VAL C 169 13.83 -2.57 -6.40
N TYR C 170 13.73 -2.75 -5.09
CA TYR C 170 14.07 -3.99 -4.44
C TYR C 170 12.77 -4.69 -4.05
N LEU C 171 12.60 -5.87 -4.61
CA LEU C 171 11.41 -6.68 -4.43
C LEU C 171 11.66 -7.92 -3.59
N TYR C 172 10.73 -8.17 -2.68
CA TYR C 172 10.82 -9.30 -1.80
C TYR C 172 9.63 -10.19 -2.07
N VAL C 173 9.88 -11.28 -2.77
CA VAL C 173 8.84 -12.23 -3.12
C VAL C 173 8.61 -13.27 -2.05
N HIS C 174 7.36 -13.42 -1.65
CA HIS C 174 6.98 -14.36 -0.61
C HIS C 174 6.38 -15.64 -1.18
N PHE C 175 6.90 -16.79 -0.76
CA PHE C 175 6.38 -18.09 -1.23
C PHE C 175 5.97 -18.99 -0.07
N PHE C 176 5.16 -19.99 -0.38
CA PHE C 176 4.73 -20.94 0.62
C PHE C 176 4.60 -22.28 -0.06
N TYR C 177 5.57 -23.15 0.10
CA TYR C 177 5.45 -24.46 -0.51
C TYR C 177 4.68 -25.31 0.47
N SER C 178 3.60 -25.94 0.04
CA SER C 178 2.83 -26.75 0.97
C SER C 178 2.87 -28.24 0.68
N PRO C 179 3.29 -29.05 1.67
CA PRO C 179 3.33 -30.49 1.44
C PRO C 179 1.90 -31.02 1.39
N ILE C 180 1.08 -30.59 2.34
CA ILE C 180 -0.31 -31.03 2.37
C ILE C 180 -1.00 -30.86 1.03
N LEU C 181 -0.59 -29.87 0.25
CA LEU C 181 -1.21 -29.62 -1.06
C LEU C 181 -0.22 -29.90 -2.19
N GLU C 182 1.04 -30.11 -1.83
CA GLU C 182 2.09 -30.39 -2.81
C GLU C 182 2.14 -29.34 -3.90
N ARG C 183 2.15 -28.06 -3.52
CA ARG C 183 2.22 -26.99 -4.50
C ARG C 183 2.96 -25.78 -3.94
N LEU C 184 3.48 -24.98 -4.85
CA LEU C 184 4.21 -23.76 -4.51
C LEU C 184 3.26 -22.58 -4.71
N GLU C 185 3.10 -21.77 -3.67
CA GLU C 185 2.21 -20.62 -3.74
C GLU C 185 2.99 -19.30 -3.68
N LEU C 186 2.80 -18.45 -4.68
CA LEU C 186 3.43 -17.14 -4.76
C LEU C 186 2.37 -16.25 -4.11
N LEU C 187 2.60 -15.86 -2.86
CA LEU C 187 1.61 -15.10 -2.12
C LEU C 187 1.75 -13.60 -1.93
N GLY C 188 2.84 -13.03 -2.44
CA GLY C 188 2.96 -11.60 -2.28
C GLY C 188 4.30 -11.04 -2.68
N VAL C 189 4.31 -9.73 -2.88
CA VAL C 189 5.54 -9.04 -3.21
C VAL C 189 5.58 -7.79 -2.34
N ASP C 190 6.65 -7.71 -1.58
CA ASP C 190 6.87 -6.65 -0.64
C ASP C 190 7.94 -5.67 -1.14
N GLU C 191 7.93 -4.50 -0.55
CA GLU C 191 8.89 -3.44 -0.85
C GLU C 191 9.21 -2.86 0.53
N ARG C 192 10.50 -2.79 0.87
CA ARG C 192 10.90 -2.28 2.19
C ARG C 192 10.82 -0.76 2.31
N VAL C 193 10.55 -0.31 3.53
CA VAL C 193 10.53 1.12 3.83
C VAL C 193 11.80 1.29 4.65
N LEU C 194 12.80 1.91 4.05
CA LEU C 194 14.10 2.13 4.68
C LEU C 194 14.22 3.55 5.18
N ILE C 195 15.20 3.79 6.06
CA ILE C 195 15.37 5.12 6.59
C ILE C 195 16.10 5.88 5.51
N ALA C 196 16.55 5.13 4.51
CA ALA C 196 17.25 5.76 3.40
C ALA C 196 16.32 6.63 2.56
N ASP C 197 15.16 6.98 3.10
CA ASP C 197 14.20 7.90 2.45
C ASP C 197 14.50 9.32 2.88
N GLY C 198 13.51 10.16 3.07
CA GLY C 198 13.86 11.53 3.43
C GLY C 198 14.91 12.01 2.43
N ASN C 199 15.32 11.13 1.49
CA ASN C 199 16.26 11.50 0.42
C ASN C 199 15.38 11.51 -0.78
N ALA C 200 14.27 10.80 -0.67
CA ALA C 200 13.32 10.76 -1.77
C ALA C 200 12.77 12.16 -1.99
N ARG C 201 12.46 12.84 -0.88
CA ARG C 201 11.92 14.20 -0.91
C ARG C 201 13.03 15.15 -1.31
N TRP C 202 14.16 15.01 -0.64
CA TRP C 202 15.33 15.84 -0.90
C TRP C 202 16.58 15.10 -0.47
N PRO C 203 17.37 14.63 -1.44
CA PRO C 203 18.62 13.90 -1.17
C PRO C 203 19.64 14.76 -0.41
N VAL C 204 20.25 14.16 0.61
CA VAL C 204 21.24 14.86 1.43
C VAL C 204 22.58 14.09 1.48
N LYS C 205 22.58 12.93 2.11
CA LYS C 205 23.77 12.11 2.23
C LYS C 205 23.39 10.64 2.32
N PRO C 206 24.36 9.74 2.08
CA PRO C 206 24.02 8.32 2.17
C PRO C 206 23.48 7.96 3.57
N LEU C 207 22.26 7.38 3.58
CA LEU C 207 21.58 6.96 4.82
C LEU C 207 21.65 5.45 5.03
N PRO C 208 21.36 5.00 6.27
CA PRO C 208 21.36 3.58 6.63
C PRO C 208 20.22 2.83 5.91
N TYR C 209 20.44 1.56 5.59
CA TYR C 209 19.40 0.79 4.92
C TYR C 209 18.51 -0.05 5.83
N THR C 210 18.48 0.30 7.11
CA THR C 210 17.67 -0.39 8.11
C THR C 210 16.18 -0.27 7.78
N ILE C 211 15.46 -1.40 7.79
CA ILE C 211 14.04 -1.35 7.49
C ILE C 211 13.23 -0.82 8.65
N VAL C 212 12.21 -0.01 8.31
CA VAL C 212 11.34 0.55 9.30
C VAL C 212 9.98 -0.14 9.16
N GLY C 213 9.66 -0.51 7.91
CA GLY C 213 8.40 -1.15 7.63
C GLY C 213 8.35 -1.81 6.25
N ASN C 214 7.15 -2.15 5.81
CA ASN C 214 6.98 -2.82 4.53
C ASN C 214 5.74 -2.31 3.79
N ARG C 215 5.84 -2.21 2.46
CA ARG C 215 4.73 -1.77 1.60
C ARG C 215 4.30 -2.90 0.67
N ALA C 216 3.02 -3.24 0.67
CA ALA C 216 2.55 -4.29 -0.24
C ALA C 216 2.54 -3.68 -1.63
N ILE C 217 3.07 -4.41 -2.62
CA ILE C 217 3.12 -3.92 -3.98
C ILE C 217 2.58 -4.94 -4.99
N ALA C 218 1.71 -4.48 -5.89
CA ALA C 218 1.16 -5.35 -6.93
C ALA C 218 2.14 -5.30 -8.10
N LEU C 219 2.92 -6.37 -8.22
CA LEU C 219 3.93 -6.50 -9.26
C LEU C 219 3.31 -6.58 -10.65
N ARG C 220 4.00 -6.06 -11.66
CA ARG C 220 3.52 -6.13 -13.04
C ARG C 220 3.39 -7.64 -13.29
N GLU C 221 2.20 -8.06 -13.74
CA GLU C 221 1.88 -9.46 -13.99
C GLU C 221 2.80 -10.23 -14.96
N SER C 222 3.46 -9.53 -15.87
CA SER C 222 4.34 -10.21 -16.83
C SER C 222 5.63 -10.74 -16.19
N LEU C 223 5.92 -10.34 -14.96
CA LEU C 223 7.13 -10.74 -14.22
C LEU C 223 6.96 -11.91 -13.27
N LEU C 224 5.71 -12.18 -12.89
CA LEU C 224 5.42 -13.25 -11.95
C LEU C 224 5.84 -14.64 -12.39
N PRO C 225 5.53 -15.03 -13.64
CA PRO C 225 5.91 -16.36 -14.13
C PRO C 225 7.40 -16.67 -13.89
N GLN C 226 8.24 -15.69 -14.18
CA GLN C 226 9.68 -15.83 -14.03
C GLN C 226 10.07 -16.11 -12.58
N LEU C 227 9.39 -15.42 -11.65
CA LEU C 227 9.68 -15.60 -10.25
C LEU C 227 9.22 -16.97 -9.79
N TYR C 228 8.08 -17.41 -10.32
CA TYR C 228 7.54 -18.71 -9.97
C TYR C 228 8.52 -19.79 -10.37
N ASP C 229 9.11 -19.63 -11.55
CA ASP C 229 10.09 -20.58 -12.06
C ASP C 229 11.28 -20.65 -11.14
N TYR C 230 11.77 -19.48 -10.73
CA TYR C 230 12.90 -19.44 -9.81
C TYR C 230 12.52 -20.11 -8.51
N GLY C 231 11.29 -19.88 -8.07
CA GLY C 231 10.81 -20.46 -6.82
C GLY C 231 10.76 -21.98 -6.88
N LEU C 232 10.14 -22.50 -7.95
CA LEU C 232 10.04 -23.93 -8.15
C LEU C 232 11.43 -24.56 -8.07
N ALA C 233 12.38 -23.93 -8.76
CA ALA C 233 13.75 -24.41 -8.79
C ALA C 233 14.34 -24.39 -7.40
N PHE C 234 14.04 -23.35 -6.64
CA PHE C 234 14.57 -23.24 -5.29
C PHE C 234 14.09 -24.40 -4.43
N VAL C 235 12.82 -24.73 -4.55
CA VAL C 235 12.25 -25.83 -3.79
C VAL C 235 12.95 -27.15 -4.14
N ARG C 236 13.11 -27.40 -5.44
CA ARG C 236 13.77 -28.61 -5.90
C ARG C 236 15.16 -28.80 -5.28
N THR C 237 16.06 -27.83 -5.45
CA THR C 237 17.39 -28.00 -4.91
C THR C 237 17.44 -28.03 -3.39
N ARG C 239 15.24 -29.41 -1.61
CA ARG C 239 14.75 -30.73 -1.29
C ARG C 239 15.93 -31.71 -1.28
N GLU C 240 17.02 -31.30 -1.94
CA GLU C 240 18.26 -32.09 -2.03
C GLU C 240 19.25 -31.61 -0.97
N LEU C 241 19.69 -30.37 -1.15
CA LEU C 241 20.64 -29.73 -0.26
C LEU C 241 20.34 -29.83 1.23
N GLU C 242 19.06 -29.96 1.58
CA GLU C 242 18.68 -30.08 2.97
C GLU C 242 17.46 -30.99 3.06
N PRO C 243 17.70 -32.31 3.02
CA PRO C 243 16.71 -33.39 3.07
C PRO C 243 15.25 -33.06 2.78
N PRO C 244 14.45 -32.65 3.79
CA PRO C 244 13.07 -32.38 3.34
C PRO C 244 12.97 -31.07 2.51
N GLY C 245 13.78 -30.07 2.88
CA GLY C 245 13.85 -28.80 2.17
C GLY C 245 12.67 -27.87 1.90
N VAL C 246 12.54 -26.84 2.73
CA VAL C 246 11.48 -25.84 2.59
C VAL C 246 10.08 -26.38 2.74
N ILE C 247 9.50 -26.23 3.91
CA ILE C 247 8.16 -26.70 4.13
C ILE C 247 7.11 -25.61 4.18
N GLY C 248 7.43 -24.46 4.77
CA GLY C 248 6.40 -23.43 4.83
C GLY C 248 6.70 -22.20 4.01
N PRO C 249 6.88 -21.06 4.69
CA PRO C 249 7.18 -19.80 4.00
C PRO C 249 8.67 -19.62 3.75
N PHE C 250 8.99 -18.92 2.68
CA PHE C 250 10.37 -18.59 2.35
C PHE C 250 10.28 -17.41 1.40
N ALA C 251 11.37 -16.68 1.26
CA ALA C 251 11.36 -15.53 0.37
C ALA C 251 12.67 -15.35 -0.39
N LEU C 252 12.53 -14.91 -1.62
CA LEU C 252 13.68 -14.63 -2.46
C LEU C 252 13.75 -13.10 -2.57
N HIS C 253 14.93 -12.55 -2.34
CA HIS C 253 15.15 -11.11 -2.41
C HIS C 253 15.83 -10.72 -3.70
N PHE C 254 15.24 -9.77 -4.42
CA PHE C 254 15.79 -9.34 -5.70
C PHE C 254 16.03 -7.86 -5.87
N ALA C 255 16.84 -7.55 -6.88
CA ALA C 255 17.15 -6.19 -7.24
C ALA C 255 16.68 -6.18 -8.68
N TYR C 256 15.68 -5.37 -9.00
CA TYR C 256 15.22 -5.35 -10.38
C TYR C 256 15.92 -4.24 -11.19
N ASP C 257 16.80 -4.70 -12.07
CA ASP C 257 17.62 -3.86 -12.96
C ASP C 257 16.74 -3.66 -14.18
N GLY C 258 15.98 -4.72 -14.43
CA GLY C 258 15.12 -4.82 -15.57
C GLY C 258 15.48 -6.23 -15.96
N SER C 259 16.21 -6.93 -15.08
CA SER C 259 16.65 -8.28 -15.36
C SER C 259 16.91 -9.21 -14.15
N PHE C 260 16.30 -8.91 -13.00
CA PHE C 260 16.45 -9.74 -11.79
C PHE C 260 17.81 -10.34 -11.40
N LYS C 261 18.27 -9.95 -10.22
CA LYS C 261 19.54 -10.42 -9.66
C LYS C 261 19.17 -10.72 -8.20
N ALA C 262 19.44 -11.94 -7.73
CA ALA C 262 19.11 -12.28 -6.34
C ALA C 262 20.14 -11.67 -5.41
N ILE C 263 19.67 -11.14 -4.28
CA ILE C 263 20.58 -10.55 -3.30
C ILE C 263 20.49 -11.33 -1.98
N GLY C 264 19.46 -12.16 -1.85
CA GLY C 264 19.31 -12.94 -0.64
C GLY C 264 18.04 -13.77 -0.57
N ILE C 265 17.83 -14.39 0.59
CA ILE C 265 16.64 -15.22 0.82
C ILE C 265 16.15 -15.13 2.26
N ALA C 266 14.96 -15.68 2.48
CA ALA C 266 14.38 -15.73 3.79
C ALA C 266 14.09 -17.21 4.00
N SER C 267 14.72 -17.82 4.99
CA SER C 267 14.48 -19.24 5.20
C SER C 267 13.30 -19.46 6.11
N ARG C 268 12.52 -18.40 6.32
CA ARG C 268 11.32 -18.45 7.15
C ARG C 268 10.40 -17.28 6.76
N ILE C 269 9.30 -17.09 7.49
CA ILE C 269 8.39 -16.00 7.21
C ILE C 269 9.20 -14.70 7.21
N ASP C 270 9.25 -14.09 6.05
CA ASP C 270 10.03 -12.88 5.78
C ASP C 270 9.81 -11.58 6.55
N GLY C 271 8.57 -11.19 6.79
CA GLY C 271 8.35 -9.94 7.51
C GLY C 271 7.64 -8.94 6.61
N GLY C 272 8.00 -8.95 5.34
CA GLY C 272 7.36 -8.08 4.38
C GLY C 272 5.98 -8.70 4.14
N SER C 273 5.75 -9.84 4.80
CA SER C 273 4.47 -10.52 4.71
C SER C 273 3.46 -9.92 5.68
N ASN C 274 3.90 -8.94 6.48
CA ASN C 274 3.00 -8.24 7.42
C ASN C 274 2.17 -7.26 6.59
N ALA C 275 2.64 -6.92 5.39
CA ALA C 275 1.91 -6.01 4.51
C ALA C 275 0.67 -6.72 3.99
N ASP C 276 -0.30 -5.95 3.53
CA ASP C 276 -1.57 -6.49 3.04
C ASP C 276 -1.52 -6.96 1.58
N HIS C 277 -1.17 -8.24 1.39
CA HIS C 277 -1.10 -8.85 0.05
C HIS C 277 -2.38 -9.62 -0.25
N TRP C 278 -2.72 -9.72 -1.53
CA TRP C 278 -3.88 -10.54 -1.92
C TRP C 278 -3.21 -11.77 -2.54
N TYR C 279 -3.33 -12.04 -3.84
CA TYR C 279 -2.66 -13.22 -4.39
C TYR C 279 -3.17 -14.54 -3.82
N SER C 280 -3.08 -14.73 -2.51
CA SER C 280 -3.57 -15.94 -1.90
C SER C 280 -5.00 -16.23 -2.38
N GLU C 281 -5.70 -15.17 -2.79
CA GLU C 281 -7.06 -15.28 -3.29
C GLU C 281 -7.08 -16.07 -4.60
N LEU C 282 -5.90 -16.28 -5.18
CA LEU C 282 -5.77 -17.03 -6.42
C LEU C 282 -5.85 -18.53 -6.11
N TYR C 283 -5.40 -18.91 -4.92
CA TYR C 283 -5.45 -20.31 -4.50
C TYR C 283 -6.65 -20.53 -3.61
N TRP C 284 -7.10 -19.44 -2.96
CA TRP C 284 -8.24 -19.50 -2.06
C TRP C 284 -9.30 -18.47 -2.41
N GLY C 285 -10.51 -18.69 -1.95
CA GLY C 285 -11.54 -17.72 -2.27
C GLY C 285 -11.33 -16.48 -1.43
N GLU C 286 -10.71 -16.68 -0.28
CA GLU C 286 -10.46 -15.60 0.67
C GLU C 286 -9.02 -15.08 0.64
N ARG C 287 -8.85 -13.87 1.16
CA ARG C 287 -7.54 -13.21 1.20
C ARG C 287 -6.53 -14.07 1.91
N LEU C 288 -6.50 -14.02 3.24
CA LEU C 288 -5.59 -14.87 3.99
C LEU C 288 -4.10 -14.45 3.94
N SER C 289 -3.54 -14.04 5.07
CA SER C 289 -2.13 -13.63 5.15
C SER C 289 -1.22 -14.83 5.24
N GLY C 291 0.79 -15.54 7.74
CA GLY C 291 0.71 -16.09 9.08
C GLY C 291 -0.51 -17.00 9.16
N ARG C 292 -1.57 -16.64 8.44
CA ARG C 292 -2.77 -17.45 8.45
C ARG C 292 -2.55 -18.67 7.56
N ARG C 293 -1.70 -18.50 6.55
CA ARG C 293 -1.41 -19.61 5.63
C ARG C 293 -0.69 -20.73 6.36
N ILE C 294 0.26 -20.34 7.21
CA ILE C 294 1.00 -21.29 8.00
C ILE C 294 0.04 -22.04 8.93
N ALA C 295 -0.93 -21.32 9.47
CA ALA C 295 -1.89 -21.91 10.39
C ALA C 295 -2.84 -22.82 9.67
N ARG C 296 -3.25 -22.43 8.47
CA ARG C 296 -4.18 -23.29 7.73
C ARG C 296 -3.48 -24.57 7.31
N GLU C 297 -2.17 -24.48 7.09
CA GLU C 297 -1.38 -25.64 6.71
C GLU C 297 -1.43 -26.60 7.88
N LEU C 298 -1.32 -26.05 9.07
CA LEU C 298 -1.34 -26.83 10.29
C LEU C 298 -2.70 -27.53 10.42
N ARG C 299 -3.78 -26.74 10.33
CA ARG C 299 -5.11 -27.30 10.47
C ARG C 299 -5.41 -28.37 9.43
N LEU C 300 -4.89 -28.17 8.22
CA LEU C 300 -5.14 -29.15 7.18
C LEU C 300 -4.46 -30.44 7.55
N ALA C 301 -3.26 -30.32 8.08
CA ALA C 301 -2.49 -31.49 8.48
C ALA C 301 -3.22 -32.24 9.61
N GLU C 302 -3.76 -31.48 10.57
CA GLU C 302 -4.47 -32.06 11.70
C GLU C 302 -5.61 -32.93 11.21
N GLU C 303 -6.45 -32.34 10.38
CA GLU C 303 -7.62 -33.03 9.87
C GLU C 303 -7.28 -34.23 9.01
N GLU C 304 -6.01 -34.44 8.69
CA GLU C 304 -5.63 -35.57 7.85
C GLU C 304 -4.51 -36.43 8.44
N ASP C 305 -4.32 -36.28 9.75
CA ASP C 305 -3.32 -37.06 10.45
C ASP C 305 -1.94 -36.89 9.82
N ARG C 306 -1.78 -35.94 8.91
CA ARG C 306 -0.47 -35.70 8.30
C ARG C 306 0.28 -35.13 9.48
N LEU C 307 0.42 -33.80 9.52
CA LEU C 307 1.07 -33.12 10.64
C LEU C 307 2.51 -33.55 10.95
N GLU C 308 2.99 -34.60 10.29
CA GLU C 308 4.36 -35.03 10.54
C GLU C 308 5.15 -34.43 9.39
N GLU C 309 4.46 -34.32 8.25
CA GLU C 309 5.03 -33.78 7.03
C GLU C 309 5.31 -32.27 7.10
N VAL C 310 4.74 -31.57 8.09
CA VAL C 310 4.94 -30.12 8.23
C VAL C 310 5.63 -29.64 9.51
N VAL C 311 6.08 -30.57 10.36
CA VAL C 311 6.75 -30.13 11.58
C VAL C 311 8.14 -30.74 11.75
N THR C 312 8.80 -30.35 12.82
CA THR C 312 10.13 -30.83 13.12
C THR C 312 10.42 -30.93 14.62
#